data_8DL8
#
_entry.id   8DL8
#
_cell.length_a   1.00
_cell.length_b   1.00
_cell.length_c   1.00
_cell.angle_alpha   90.00
_cell.angle_beta   90.00
_cell.angle_gamma   90.00
#
_symmetry.space_group_name_H-M   'P 1'
#
loop_
_entity.id
_entity.type
_entity.pdbx_description
1 polymer 'Solute carrier family 40 member 1'
2 polymer '11F9 light-chain'
3 polymer '11F9 heavy-chain'
4 non-polymer 'COBALT (II) ION'
5 water water
#
loop_
_entity_poly.entity_id
_entity_poly.type
_entity_poly.pdbx_seq_one_letter_code
_entity_poly.pdbx_strand_id
1 'polypeptide(L)'
;MTRAGDHNRQRGCCGSLADYLTSAKFLLYLGHSLSTWGDRMWHFAVSVFLVELYGNSLLLTAVYGLVVAGSVLVLGAIIG
DWVDKNARLKVAQTSLVVQNVSVILCGIILMMVFLHKHELLTMYHGWVLTSCYILIITIANIANLASTATAITIQRDWIV
VVAGEDRSKLANMNATIRRIDQLTNILAPMAVGQIMTFGSPVIGCGFISGWNLVSMCVEYVLLWKVYQKTPALAVKAGLK
EEETELKQLNLHKDTEPKPLEGTHLMGVKDSNIHELEHEQEPTCASQMAEPFRTFRDGWVSYYNQPVFLAGMGLAFLYMT
VLGFDCITTGYAYTQGLSGSILSILMGASAITGIMGTVAFTWLRRKCGLVRTGLISGLAQLSCLILCVISVFMPGSPLDL
SVSPFEDIRSRFIQGESITPTKIPEITTEIYMSNGSNSANIVPETSPESVPIISVSLLFAGVIAARIGLWSFDLTVTQLL
QENVIESERGIINGVQNSMNYLLDLLHFIMVILAPNPEAFGLLVLISVSFVAMGHIMYFRFAQNTLGNKLFACGPDAKEV
RKENQANTSVVENLYFQ
;
A
2 'polypeptide(L)'
;DIVMTQSQKFMSTSVGDRVSITCKASQNVGTAVAWYQKKPGQSPKLLIYSASNRYSGVPDRFTGSGSGTDFTLTISNMQS
EDLADYFCQQYGSYPLTFGSGTKLEIKEAEAAPTVSIFPPSSEQLTSGGASVVCFLNNFYPKDINVKWKIDGSERQNGVL
NSWTDQDSKDSTYSMSSTLTLTKDEYERHNSYTCEATHKTSTSPIVKSFNRNE
;
C
3 'polypeptide(L)'
;MKCSWVIFFLMAVVTGVNSEVQLQQSGAELVRPGALVKLSCKASGFNIKDYYMHWVKERPEQGLEWIGWIDPENGNTIYD
PKFQGKASITADTSSNTAYLQLSSLTSEDTAVYYCARKRGYYGPYFDYWGQGTTLTVSSKTTAPSVYPLAPVCGDTTGSS
VTLGCLVKGYFPEPVTLTWNSGSLSSGVHTFPAVLQSGLYTLSSSVTVTSSTWPSQSITCNVAHPASSTKVDKKIEPA
;
D
#
loop_
_chem_comp.id
_chem_comp.type
_chem_comp.name
_chem_comp.formula
CO non-polymer 'COBALT (II) ION' 'Co 2'
#
# COMPACT_ATOMS: atom_id res chain seq x y z
N GLY A 15 -7.97 -23.88 34.70
CA GLY A 15 -8.62 -22.67 34.23
C GLY A 15 -7.92 -22.04 33.04
N SER A 16 -6.85 -21.30 33.31
CA SER A 16 -6.10 -20.66 32.24
C SER A 16 -5.44 -21.69 31.34
N LEU A 17 -4.94 -22.79 31.92
CA LEU A 17 -4.31 -23.82 31.12
C LEU A 17 -5.29 -24.46 30.15
N ALA A 18 -6.51 -24.74 30.61
CA ALA A 18 -7.52 -25.29 29.72
C ALA A 18 -7.87 -24.31 28.60
N ASP A 19 -7.97 -23.02 28.93
CA ASP A 19 -8.26 -22.02 27.91
C ASP A 19 -7.15 -21.96 26.86
N TYR A 20 -5.89 -22.03 27.31
CA TYR A 20 -4.78 -22.01 26.35
C TYR A 20 -4.76 -23.26 25.49
N LEU A 21 -5.01 -24.43 26.09
CA LEU A 21 -5.05 -25.67 25.32
C LEU A 21 -6.29 -25.78 24.44
N THR A 22 -7.29 -24.93 24.65
CA THR A 22 -8.51 -24.94 23.84
C THR A 22 -8.46 -23.89 22.74
N SER A 23 -7.54 -22.93 22.84
CA SER A 23 -7.46 -21.81 21.91
C SER A 23 -6.99 -22.28 20.54
N ALA A 24 -7.24 -21.44 19.53
CA ALA A 24 -6.92 -21.79 18.15
C ALA A 24 -5.41 -21.92 17.94
N LYS A 25 -4.63 -21.07 18.61
CA LYS A 25 -3.18 -21.09 18.40
C LYS A 25 -2.58 -22.43 18.78
N PHE A 26 -2.99 -22.99 19.92
CA PHE A 26 -2.43 -24.26 20.36
C PHE A 26 -2.81 -25.39 19.41
N LEU A 27 -4.05 -25.39 18.92
CA LEU A 27 -4.47 -26.42 17.97
C LEU A 27 -3.69 -26.32 16.67
N LEU A 28 -3.47 -25.10 16.18
CA LEU A 28 -2.67 -24.90 14.98
C LEU A 28 -1.24 -25.39 15.19
N TYR A 29 -0.66 -25.07 16.35
CA TYR A 29 0.69 -25.54 16.66
C TYR A 29 0.74 -27.06 16.69
N LEU A 30 -0.25 -27.70 17.31
CA LEU A 30 -0.28 -29.15 17.39
C LEU A 30 -0.36 -29.78 16.00
N GLY A 31 -1.24 -29.24 15.15
CA GLY A 31 -1.37 -29.77 13.80
C GLY A 31 -0.08 -29.63 13.01
N HIS A 32 0.54 -28.45 13.08
CA HIS A 32 1.79 -28.25 12.37
C HIS A 32 2.89 -29.17 12.89
N SER A 33 2.95 -29.34 14.21
CA SER A 33 3.97 -30.21 14.80
C SER A 33 3.79 -31.66 14.33
N LEU A 34 2.54 -32.15 14.32
CA LEU A 34 2.30 -33.51 13.86
C LEU A 34 2.68 -33.66 12.39
N SER A 35 2.28 -32.69 11.56
CA SER A 35 2.58 -32.77 10.13
C SER A 35 4.08 -32.78 9.88
N THR A 36 4.81 -31.88 10.54
CA THR A 36 6.25 -31.80 10.30
C THR A 36 6.98 -33.01 10.86
N TRP A 37 6.52 -33.55 11.99
CA TRP A 37 7.11 -34.78 12.52
C TRP A 37 6.95 -35.93 11.54
N GLY A 38 5.74 -36.10 11.00
CA GLY A 38 5.52 -37.16 10.01
C GLY A 38 6.35 -36.96 8.76
N ASP A 39 6.41 -35.72 8.26
CA ASP A 39 7.18 -35.45 7.06
C ASP A 39 8.65 -35.74 7.27
N ARG A 40 9.21 -35.34 8.42
CA ARG A 40 10.62 -35.60 8.67
C ARG A 40 10.89 -37.09 8.81
N MET A 41 10.00 -37.82 9.46
CA MET A 41 10.17 -39.27 9.56
C MET A 41 10.19 -39.92 8.18
N TRP A 42 9.25 -39.52 7.32
CA TRP A 42 9.20 -40.10 5.98
C TRP A 42 10.44 -39.73 5.18
N HIS A 43 10.93 -38.50 5.31
CA HIS A 43 12.13 -38.10 4.62
C HIS A 43 13.33 -38.93 5.05
N PHE A 44 13.45 -39.18 6.37
CA PHE A 44 14.57 -40.00 6.84
C PHE A 44 14.44 -41.43 6.35
N ALA A 45 13.21 -41.96 6.29
CA ALA A 45 13.02 -43.31 5.77
C ALA A 45 13.46 -43.40 4.30
N VAL A 46 13.08 -42.40 3.50
CA VAL A 46 13.47 -42.39 2.09
C VAL A 46 14.99 -42.27 1.97
N SER A 47 15.61 -41.45 2.82
CA SER A 47 17.06 -41.30 2.80
C SER A 47 17.75 -42.61 3.14
N VAL A 48 17.25 -43.33 4.14
CA VAL A 48 17.82 -44.63 4.50
C VAL A 48 17.68 -45.61 3.35
N PHE A 49 16.51 -45.64 2.72
CA PHE A 49 16.31 -46.51 1.56
C PHE A 49 17.32 -46.19 0.46
N LEU A 50 17.51 -44.91 0.16
CA LEU A 50 18.44 -44.52 -0.90
C LEU A 50 19.87 -44.89 -0.55
N VAL A 51 20.30 -44.61 0.68
CA VAL A 51 21.70 -44.85 1.04
C VAL A 51 21.99 -46.35 1.14
N GLU A 52 21.00 -47.16 1.51
CA GLU A 52 21.28 -48.58 1.71
C GLU A 52 21.10 -49.38 0.43
N LEU A 53 19.95 -49.24 -0.23
CA LEU A 53 19.66 -50.11 -1.37
C LEU A 53 20.54 -49.79 -2.57
N TYR A 54 20.72 -48.51 -2.87
CA TYR A 54 21.51 -48.10 -4.02
C TYR A 54 22.93 -47.65 -3.66
N GLY A 55 23.29 -47.71 -2.39
CA GLY A 55 24.58 -47.22 -1.95
C GLY A 55 24.58 -45.71 -1.75
N ASN A 56 25.68 -45.22 -1.18
CA ASN A 56 25.83 -43.79 -0.90
C ASN A 56 26.20 -43.07 -2.20
N SER A 57 25.16 -42.83 -3.01
CA SER A 57 25.32 -42.16 -4.30
C SER A 57 24.75 -40.75 -4.21
N LEU A 58 25.60 -39.76 -4.49
CA LEU A 58 25.12 -38.38 -4.54
C LEU A 58 24.31 -38.11 -5.80
N LEU A 59 24.59 -38.86 -6.88
CA LEU A 59 23.90 -38.62 -8.14
C LEU A 59 22.41 -38.89 -8.02
N LEU A 60 22.02 -39.99 -7.36
CA LEU A 60 20.61 -40.32 -7.23
C LEU A 60 19.87 -39.31 -6.35
N THR A 61 20.49 -38.91 -5.24
CA THR A 61 19.88 -37.90 -4.39
C THR A 61 19.72 -36.58 -5.13
N ALA A 62 20.73 -36.19 -5.90
CA ALA A 62 20.64 -34.97 -6.68
C ALA A 62 19.55 -35.07 -7.74
N VAL A 63 19.39 -36.24 -8.35
CA VAL A 63 18.33 -36.42 -9.35
C VAL A 63 16.96 -36.32 -8.70
N TYR A 64 16.79 -36.92 -7.52
CA TYR A 64 15.53 -36.81 -6.80
C TYR A 64 15.21 -35.36 -6.45
N GLY A 65 16.22 -34.63 -5.95
CA GLY A 65 16.02 -33.22 -5.67
C GLY A 65 15.69 -32.42 -6.92
N LEU A 66 16.35 -32.75 -8.03
CA LEU A 66 16.07 -32.09 -9.30
C LEU A 66 14.62 -32.30 -9.70
N VAL A 67 14.13 -33.53 -9.58
CA VAL A 67 12.76 -33.84 -9.97
C VAL A 67 11.77 -33.04 -9.12
N VAL A 68 11.95 -33.08 -7.80
CA VAL A 68 10.99 -32.39 -6.93
C VAL A 68 11.04 -30.88 -7.16
N ALA A 69 12.25 -30.32 -7.30
CA ALA A 69 12.39 -28.89 -7.50
C ALA A 69 11.75 -28.45 -8.82
N GLY A 70 11.99 -29.21 -9.89
CA GLY A 70 11.41 -28.85 -11.18
C GLY A 70 9.89 -28.96 -11.17
N SER A 71 9.36 -30.01 -10.55
CA SER A 71 7.91 -30.17 -10.48
C SER A 71 7.28 -29.02 -9.73
N VAL A 72 7.86 -28.62 -8.58
CA VAL A 72 7.30 -27.50 -7.85
C VAL A 72 7.44 -26.21 -8.65
N LEU A 73 8.59 -26.03 -9.31
CA LEU A 73 8.80 -24.85 -10.14
C LEU A 73 7.70 -24.71 -11.18
N VAL A 74 7.30 -25.82 -11.79
CA VAL A 74 6.29 -25.75 -12.86
C VAL A 74 4.89 -25.58 -12.28
N LEU A 75 4.58 -26.27 -11.18
CA LEU A 75 3.21 -26.32 -10.65
C LEU A 75 2.92 -25.32 -9.55
N GLY A 76 3.87 -24.45 -9.20
CA GLY A 76 3.65 -23.53 -8.09
C GLY A 76 2.52 -22.54 -8.35
N ALA A 77 2.50 -21.93 -9.54
CA ALA A 77 1.43 -20.99 -9.86
C ALA A 77 0.08 -21.67 -9.88
N ILE A 78 0.01 -22.89 -10.42
CA ILE A 78 -1.26 -23.63 -10.46
C ILE A 78 -1.75 -23.91 -9.05
N ILE A 79 -0.85 -24.37 -8.18
CA ILE A 79 -1.25 -24.68 -6.80
C ILE A 79 -1.70 -23.42 -6.08
N GLY A 80 -0.97 -22.32 -6.28
CA GLY A 80 -1.36 -21.07 -5.64
C GLY A 80 -2.72 -20.58 -6.10
N ASP A 81 -2.97 -20.65 -7.41
CA ASP A 81 -4.27 -20.22 -7.93
C ASP A 81 -5.38 -21.11 -7.39
N TRP A 82 -5.14 -22.43 -7.32
CA TRP A 82 -6.15 -23.33 -6.78
C TRP A 82 -6.46 -23.01 -5.33
N VAL A 83 -5.43 -22.72 -4.54
CA VAL A 83 -5.64 -22.32 -3.15
C VAL A 83 -6.42 -21.01 -3.07
N ASP A 84 -6.11 -20.08 -3.98
CA ASP A 84 -6.75 -18.77 -3.94
C ASP A 84 -8.23 -18.85 -4.30
N LYS A 85 -8.59 -19.70 -5.26
CA LYS A 85 -9.95 -19.74 -5.80
C LYS A 85 -10.79 -20.86 -5.21
N ASN A 86 -10.61 -21.18 -3.92
CA ASN A 86 -11.41 -22.22 -3.28
C ASN A 86 -11.54 -21.90 -1.80
N ALA A 87 -12.44 -22.63 -1.15
CA ALA A 87 -12.68 -22.44 0.28
C ALA A 87 -11.46 -22.85 1.09
N ARG A 88 -11.32 -22.23 2.27
CA ARG A 88 -10.13 -22.44 3.07
C ARG A 88 -10.10 -23.82 3.71
N LEU A 89 -11.23 -24.26 4.27
CA LEU A 89 -11.26 -25.57 4.92
C LEU A 89 -11.05 -26.70 3.92
N LYS A 90 -11.72 -26.63 2.78
CA LYS A 90 -11.63 -27.70 1.79
C LYS A 90 -10.21 -27.85 1.27
N VAL A 91 -9.54 -26.74 0.98
CA VAL A 91 -8.18 -26.80 0.44
C VAL A 91 -7.24 -27.46 1.44
N ALA A 92 -7.30 -27.03 2.70
CA ALA A 92 -6.39 -27.57 3.72
C ALA A 92 -6.67 -29.05 3.94
N GLN A 93 -7.94 -29.42 4.05
CA GLN A 93 -8.28 -30.83 4.30
C GLN A 93 -7.85 -31.71 3.13
N THR A 94 -8.10 -31.26 1.89
CA THR A 94 -7.70 -32.04 0.72
C THR A 94 -6.20 -32.20 0.65
N SER A 95 -5.44 -31.12 0.90
CA SER A 95 -3.99 -31.19 0.85
C SER A 95 -3.46 -32.15 1.91
N LEU A 96 -4.00 -32.07 3.13
CA LEU A 96 -3.56 -32.95 4.20
C LEU A 96 -3.84 -34.41 3.87
N VAL A 97 -5.03 -34.69 3.37
CA VAL A 97 -5.39 -36.07 3.02
C VAL A 97 -4.49 -36.59 1.92
N VAL A 98 -4.22 -35.78 0.90
CA VAL A 98 -3.37 -36.21 -0.20
C VAL A 98 -1.97 -36.51 0.30
N GLN A 99 -1.41 -35.61 1.10
CA GLN A 99 -0.05 -35.82 1.60
C GLN A 99 0.05 -37.08 2.45
N ASN A 100 -0.89 -37.27 3.36
CA ASN A 100 -0.82 -38.43 4.25
C ASN A 100 -1.03 -39.73 3.50
N VAL A 101 -1.95 -39.75 2.53
CA VAL A 101 -2.17 -40.95 1.73
C VAL A 101 -0.93 -41.28 0.92
N SER A 102 -0.30 -40.26 0.33
CA SER A 102 0.93 -40.50 -0.43
C SER A 102 2.03 -41.07 0.45
N VAL A 103 2.18 -40.52 1.66
CA VAL A 103 3.22 -41.02 2.56
C VAL A 103 2.93 -42.45 2.97
N ILE A 104 1.65 -42.79 3.22
CA ILE A 104 1.29 -44.14 3.60
C ILE A 104 1.62 -45.12 2.47
N LEU A 105 1.27 -44.75 1.23
CA LEU A 105 1.56 -45.62 0.10
C LEU A 105 3.07 -45.80 -0.10
N CYS A 106 3.83 -44.71 0.05
CA CYS A 106 5.27 -44.81 -0.06
C CYS A 106 5.86 -45.71 1.03
N GLY A 107 5.30 -45.62 2.24
CA GLY A 107 5.76 -46.48 3.32
C GLY A 107 5.49 -47.94 3.04
N ILE A 108 4.31 -48.25 2.49
CA ILE A 108 4.00 -49.64 2.16
C ILE A 108 4.92 -50.15 1.06
N ILE A 109 5.19 -49.33 0.04
CA ILE A 109 6.08 -49.73 -1.03
C ILE A 109 7.49 -49.98 -0.49
N LEU A 110 7.96 -49.10 0.41
CA LEU A 110 9.27 -49.30 1.01
C LEU A 110 9.30 -50.55 1.88
N MET A 111 8.19 -50.85 2.55
CA MET A 111 8.07 -52.10 3.31
C MET A 111 8.31 -53.29 2.39
N MET A 112 7.58 -53.33 1.27
CA MET A 112 7.69 -54.47 0.36
C MET A 112 9.07 -54.54 -0.28
N VAL A 113 9.70 -53.40 -0.52
CA VAL A 113 11.05 -53.39 -1.10
C VAL A 113 12.06 -53.91 -0.08
N PHE A 114 11.96 -53.45 1.17
CA PHE A 114 12.93 -53.84 2.18
C PHE A 114 12.79 -55.30 2.58
N LEU A 115 11.57 -55.84 2.56
CA LEU A 115 11.41 -57.25 2.92
C LEU A 115 12.16 -58.15 1.94
N HIS A 116 12.07 -57.86 0.66
CA HIS A 116 12.81 -58.61 -0.37
C HIS A 116 14.09 -57.88 -0.74
N LYS A 117 15.06 -57.93 0.17
CA LYS A 117 16.31 -57.19 -0.02
C LYS A 117 17.23 -57.93 -0.98
N HIS A 118 17.66 -59.14 -0.60
CA HIS A 118 18.56 -59.92 -1.44
C HIS A 118 17.88 -60.27 -2.76
N GLU A 119 16.61 -60.67 -2.71
CA GLU A 119 15.89 -61.03 -3.92
C GLU A 119 15.87 -59.88 -4.92
N LEU A 120 15.47 -58.68 -4.49
CA LEU A 120 15.45 -57.55 -5.39
C LEU A 120 16.85 -57.15 -5.83
N LEU A 121 17.86 -57.37 -4.99
CA LEU A 121 19.23 -57.10 -5.42
C LEU A 121 19.72 -58.12 -6.44
N THR A 122 19.06 -59.28 -6.57
CA THR A 122 19.43 -60.24 -7.59
C THR A 122 18.27 -60.69 -8.47
N MET A 123 17.11 -60.03 -8.40
CA MET A 123 15.99 -60.40 -9.25
C MET A 123 16.33 -60.25 -10.72
N TYR A 124 16.95 -59.12 -11.09
CA TYR A 124 17.30 -58.85 -12.47
C TYR A 124 18.48 -57.88 -12.47
N HIS A 125 18.79 -57.36 -13.67
CA HIS A 125 19.89 -56.41 -13.80
C HIS A 125 19.59 -55.07 -13.12
N GLY A 126 18.33 -54.83 -12.74
CA GLY A 126 17.98 -53.59 -12.08
C GLY A 126 16.71 -52.96 -12.62
N TRP A 127 16.03 -53.68 -13.52
CA TRP A 127 14.79 -53.17 -14.10
C TRP A 127 13.73 -52.96 -13.02
N VAL A 128 13.52 -53.97 -12.17
CA VAL A 128 12.57 -53.83 -11.08
C VAL A 128 13.07 -52.80 -10.07
N LEU A 129 14.39 -52.76 -9.87
CA LEU A 129 14.97 -51.77 -8.95
C LEU A 129 14.73 -50.36 -9.44
N THR A 130 14.94 -50.10 -10.74
CA THR A 130 14.69 -48.77 -11.29
C THR A 130 13.20 -48.45 -11.28
N SER A 131 12.35 -49.46 -11.51
CA SER A 131 10.91 -49.23 -11.43
C SER A 131 10.50 -48.79 -10.02
N CYS A 132 11.03 -49.47 -9.01
CA CYS A 132 10.75 -49.07 -7.62
C CYS A 132 11.27 -47.66 -7.36
N TYR A 133 12.46 -47.35 -7.86
CA TYR A 133 13.03 -46.02 -7.68
C TYR A 133 12.12 -44.95 -8.27
N ILE A 134 11.68 -45.13 -9.51
CA ILE A 134 10.86 -44.11 -10.16
C ILE A 134 9.50 -43.99 -9.50
N LEU A 135 8.93 -45.12 -9.06
CA LEU A 135 7.64 -45.06 -8.37
C LEU A 135 7.76 -44.30 -7.05
N ILE A 136 8.82 -44.58 -6.29
CA ILE A 136 9.05 -43.86 -5.03
C ILE A 136 9.26 -42.38 -5.31
N ILE A 137 9.99 -42.06 -6.37
CA ILE A 137 10.25 -40.65 -6.70
C ILE A 137 8.95 -39.94 -7.05
N THR A 138 8.08 -40.60 -7.82
CA THR A 138 6.80 -39.98 -8.18
C THR A 138 5.93 -39.75 -6.96
N ILE A 139 5.85 -40.76 -6.08
CA ILE A 139 5.03 -40.61 -4.87
C ILE A 139 5.59 -39.51 -3.99
N ALA A 140 6.91 -39.44 -3.85
CA ALA A 140 7.53 -38.38 -3.06
C ALA A 140 7.28 -37.01 -3.66
N ASN A 141 7.29 -36.92 -5.00
CA ASN A 141 6.98 -35.66 -5.67
C ASN A 141 5.56 -35.21 -5.36
N ILE A 142 4.61 -36.14 -5.43
CA ILE A 142 3.22 -35.79 -5.10
C ILE A 142 3.10 -35.35 -3.65
N ALA A 143 3.79 -36.05 -2.75
CA ALA A 143 3.76 -35.69 -1.34
C ALA A 143 4.35 -34.30 -1.10
N ASN A 144 5.45 -33.99 -1.79
CA ASN A 144 6.05 -32.67 -1.65
C ASN A 144 5.15 -31.58 -2.20
N LEU A 145 4.47 -31.83 -3.32
CA LEU A 145 3.50 -30.86 -3.83
C LEU A 145 2.38 -30.62 -2.82
N ALA A 146 1.85 -31.70 -2.22
CA ALA A 146 0.80 -31.54 -1.22
C ALA A 146 1.31 -30.76 -0.01
N SER A 147 2.54 -31.03 0.42
CA SER A 147 3.10 -30.32 1.56
C SER A 147 3.28 -28.84 1.24
N THR A 148 3.72 -28.52 0.02
CA THR A 148 3.84 -27.13 -0.37
C THR A 148 2.48 -26.43 -0.38
N ALA A 149 1.46 -27.12 -0.88
CA ALA A 149 0.12 -26.54 -0.87
C ALA A 149 -0.36 -26.30 0.56
N THR A 150 -0.12 -27.26 1.46
CA THR A 150 -0.51 -27.10 2.85
C THR A 150 0.22 -25.93 3.49
N ALA A 151 1.53 -25.79 3.23
CA ALA A 151 2.28 -24.68 3.80
C ALA A 151 1.76 -23.35 3.28
N ILE A 152 1.45 -23.27 1.99
CA ILE A 152 0.93 -22.03 1.43
C ILE A 152 -0.43 -21.69 2.05
N THR A 153 -1.30 -22.69 2.21
CA THR A 153 -2.64 -22.43 2.70
C THR A 153 -2.71 -22.21 4.21
N ILE A 154 -1.70 -22.64 4.96
CA ILE A 154 -1.73 -22.51 6.42
C ILE A 154 -0.83 -21.38 6.90
N GLN A 155 0.45 -21.41 6.54
CA GLN A 155 1.41 -20.45 7.08
C GLN A 155 1.31 -19.07 6.46
N ARG A 156 0.54 -18.91 5.38
CA ARG A 156 0.35 -17.62 4.74
C ARG A 156 -1.07 -17.10 4.80
N ASP A 157 -2.07 -17.98 4.84
CA ASP A 157 -3.47 -17.56 4.87
C ASP A 157 -4.07 -17.65 6.28
N TRP A 158 -4.04 -18.84 6.88
CA TRP A 158 -4.74 -19.03 8.16
C TRP A 158 -4.05 -18.29 9.30
N ILE A 159 -2.72 -18.21 9.27
CA ILE A 159 -1.99 -17.56 10.35
C ILE A 159 -2.37 -16.08 10.43
N VAL A 160 -2.46 -15.41 9.28
CA VAL A 160 -2.80 -13.99 9.26
C VAL A 160 -4.21 -13.76 9.79
N VAL A 161 -5.16 -14.59 9.36
CA VAL A 161 -6.55 -14.43 9.80
C VAL A 161 -6.67 -14.68 11.30
N VAL A 162 -5.97 -15.71 11.81
CA VAL A 162 -6.03 -15.99 13.24
C VAL A 162 -5.40 -14.85 14.03
N ALA A 163 -4.26 -14.34 13.56
CA ALA A 163 -3.61 -13.22 14.25
C ALA A 163 -4.47 -11.97 14.23
N GLY A 164 -5.10 -11.69 13.10
CA GLY A 164 -5.92 -10.48 13.00
C GLY A 164 -5.05 -9.24 12.90
N GLU A 165 -5.51 -8.17 13.54
CA GLU A 165 -4.79 -6.89 13.51
C GLU A 165 -3.83 -6.83 14.70
N ASP A 166 -2.83 -7.71 14.67
CA ASP A 166 -1.81 -7.74 15.71
C ASP A 166 -0.54 -8.33 15.11
N ARG A 167 0.47 -7.48 14.90
CA ARG A 167 1.72 -7.91 14.30
C ARG A 167 2.59 -8.69 15.28
N SER A 168 2.54 -8.34 16.57
CA SER A 168 3.31 -9.08 17.57
C SER A 168 2.84 -10.52 17.65
N LYS A 169 1.53 -10.74 17.62
CA LYS A 169 1.01 -12.11 17.64
C LYS A 169 1.44 -12.89 16.40
N LEU A 170 1.41 -12.24 15.24
CA LEU A 170 1.85 -12.90 14.00
C LEU A 170 3.32 -13.28 14.08
N ALA A 171 4.17 -12.37 14.57
CA ALA A 171 5.59 -12.67 14.70
C ALA A 171 5.82 -13.80 15.70
N ASN A 172 5.07 -13.80 16.81
CA ASN A 172 5.22 -14.87 17.79
C ASN A 172 4.82 -16.22 17.20
N MET A 173 3.72 -16.26 16.44
CA MET A 173 3.31 -17.51 15.81
C MET A 173 4.34 -17.99 14.81
N ASN A 174 4.89 -17.08 14.00
CA ASN A 174 5.91 -17.48 13.04
C ASN A 174 7.15 -18.01 13.74
N ALA A 175 7.56 -17.35 14.82
CA ALA A 175 8.73 -17.82 15.57
C ALA A 175 8.47 -19.19 16.19
N THR A 176 7.28 -19.41 16.75
CA THR A 176 6.97 -20.71 17.33
C THR A 176 6.95 -21.80 16.27
N ILE A 177 6.42 -21.49 15.09
CA ILE A 177 6.44 -22.46 13.99
C ILE A 177 7.88 -22.81 13.62
N ARG A 178 8.75 -21.80 13.54
CA ARG A 178 10.15 -22.05 13.21
C ARG A 178 10.83 -22.90 14.27
N ARG A 179 10.55 -22.63 15.55
CA ARG A 179 11.14 -23.41 16.63
C ARG A 179 10.66 -24.86 16.58
N ILE A 180 9.37 -25.07 16.32
CA ILE A 180 8.85 -26.42 16.20
C ILE A 180 9.53 -27.15 15.05
N ASP A 181 9.70 -26.47 13.91
CA ASP A 181 10.36 -27.09 12.77
C ASP A 181 11.79 -27.48 13.11
N GLN A 182 12.52 -26.58 13.79
CA GLN A 182 13.91 -26.88 14.14
C GLN A 182 13.99 -28.07 15.10
N LEU A 183 13.13 -28.08 16.13
CA LEU A 183 13.16 -29.15 17.11
C LEU A 183 12.79 -30.49 16.48
N THR A 184 11.77 -30.51 15.62
CA THR A 184 11.42 -31.77 14.98
C THR A 184 12.51 -32.22 14.01
N ASN A 185 13.17 -31.28 13.33
CA ASN A 185 14.27 -31.64 12.45
C ASN A 185 15.41 -32.28 13.23
N ILE A 186 15.70 -31.77 14.43
CA ILE A 186 16.80 -32.34 15.21
C ILE A 186 16.39 -33.60 15.96
N LEU A 187 15.10 -33.82 16.20
CA LEU A 187 14.67 -34.96 17.03
C LEU A 187 14.15 -36.14 16.24
N ALA A 188 13.20 -35.94 15.34
CA ALA A 188 12.51 -37.08 14.72
C ALA A 188 13.43 -38.04 13.96
N PRO A 189 14.41 -37.57 13.16
CA PRO A 189 15.35 -38.54 12.56
C PRO A 189 16.03 -39.42 13.58
N MET A 190 16.42 -38.87 14.73
CA MET A 190 17.09 -39.67 15.75
C MET A 190 16.16 -40.75 16.30
N ALA A 191 14.90 -40.39 16.58
CA ALA A 191 13.95 -41.36 17.11
C ALA A 191 13.68 -42.49 16.11
N VAL A 192 13.43 -42.13 14.85
CA VAL A 192 13.15 -43.16 13.86
C VAL A 192 14.38 -43.99 13.57
N GLY A 193 15.58 -43.40 13.65
CA GLY A 193 16.79 -44.18 13.48
C GLY A 193 17.01 -45.16 14.62
N GLN A 194 16.71 -44.74 15.84
CA GLN A 194 16.78 -45.66 16.98
C GLN A 194 15.77 -46.79 16.82
N ILE A 195 14.57 -46.47 16.32
CA ILE A 195 13.58 -47.51 16.06
C ILE A 195 14.11 -48.50 15.03
N MET A 196 14.71 -47.99 13.95
CA MET A 196 15.26 -48.86 12.92
C MET A 196 16.38 -49.73 13.45
N THR A 197 17.29 -49.16 14.24
CA THR A 197 18.47 -49.89 14.70
C THR A 197 18.13 -50.88 15.81
N PHE A 198 17.08 -50.62 16.59
CA PHE A 198 16.68 -51.60 17.59
C PHE A 198 15.94 -52.77 16.97
N GLY A 199 15.16 -52.50 15.92
CA GLY A 199 14.46 -53.56 15.21
C GLY A 199 14.95 -53.73 13.79
N SER A 200 14.07 -53.49 12.82
CA SER A 200 14.39 -53.63 11.42
C SER A 200 13.76 -52.46 10.66
N PRO A 201 14.27 -52.15 9.46
CA PRO A 201 13.66 -51.05 8.68
C PRO A 201 12.19 -51.29 8.35
N VAL A 202 11.76 -52.55 8.26
CA VAL A 202 10.36 -52.83 7.99
C VAL A 202 9.47 -52.30 9.12
N ILE A 203 9.90 -52.51 10.37
CA ILE A 203 9.15 -51.97 11.51
C ILE A 203 9.15 -50.45 11.47
N GLY A 204 10.26 -49.86 11.02
CA GLY A 204 10.29 -48.41 10.87
C GLY A 204 9.26 -47.92 9.87
N CYS A 205 9.17 -48.57 8.72
CA CYS A 205 8.19 -48.17 7.72
C CYS A 205 6.76 -48.37 8.22
N GLY A 206 6.53 -49.46 8.95
CA GLY A 206 5.22 -49.66 9.55
C GLY A 206 4.85 -48.55 10.53
N PHE A 207 5.83 -48.13 11.35
CA PHE A 207 5.59 -47.03 12.25
C PHE A 207 5.28 -45.74 11.48
N ILE A 208 6.00 -45.51 10.38
CA ILE A 208 5.73 -44.34 9.54
C ILE A 208 4.29 -44.36 9.06
N SER A 209 3.85 -45.50 8.52
CA SER A 209 2.50 -45.60 7.96
C SER A 209 1.43 -45.39 9.02
N GLY A 210 1.56 -46.09 10.16
CA GLY A 210 0.57 -45.95 11.21
C GLY A 210 0.52 -44.55 11.78
N TRP A 211 1.69 -43.96 12.02
CA TRP A 211 1.74 -42.60 12.53
C TRP A 211 1.09 -41.62 11.56
N ASN A 212 1.35 -41.79 10.26
CA ASN A 212 0.76 -40.87 9.29
C ASN A 212 -0.74 -41.01 9.22
N LEU A 213 -1.27 -42.24 9.32
CA LEU A 213 -2.72 -42.42 9.31
C LEU A 213 -3.38 -41.76 10.52
N VAL A 214 -2.84 -42.05 11.71
CA VAL A 214 -3.41 -41.47 12.93
C VAL A 214 -3.29 -39.95 12.90
N SER A 215 -2.16 -39.44 12.40
CA SER A 215 -1.97 -38.00 12.29
C SER A 215 -2.95 -37.39 11.30
N MET A 216 -3.24 -38.09 10.20
CA MET A 216 -4.26 -37.64 9.26
C MET A 216 -5.58 -37.41 9.97
N CYS A 217 -6.03 -38.42 10.73
CA CYS A 217 -7.32 -38.27 11.41
C CYS A 217 -7.29 -37.14 12.42
N VAL A 218 -6.23 -37.08 13.23
CA VAL A 218 -6.15 -36.08 14.30
C VAL A 218 -6.10 -34.68 13.71
N GLU A 219 -5.32 -34.48 12.65
CA GLU A 219 -5.21 -33.16 12.04
C GLU A 219 -6.49 -32.77 11.31
N TYR A 220 -7.22 -33.74 10.74
CA TYR A 220 -8.53 -33.42 10.20
C TYR A 220 -9.44 -32.85 11.27
N VAL A 221 -9.50 -33.52 12.43
CA VAL A 221 -10.35 -33.04 13.52
C VAL A 221 -9.87 -31.68 14.01
N LEU A 222 -8.55 -31.50 14.13
CA LEU A 222 -8.00 -30.24 14.64
C LEU A 222 -8.27 -29.09 13.69
N LEU A 223 -8.16 -29.32 12.38
CA LEU A 223 -8.47 -28.28 11.41
C LEU A 223 -9.94 -27.91 11.44
N TRP A 224 -10.81 -28.91 11.60
CA TRP A 224 -12.23 -28.59 11.79
C TRP A 224 -12.44 -27.70 13.00
N LYS A 225 -11.78 -28.04 14.12
CA LYS A 225 -11.92 -27.25 15.34
C LYS A 225 -11.43 -25.83 15.14
N VAL A 226 -10.28 -25.67 14.46
CA VAL A 226 -9.73 -24.33 14.23
C VAL A 226 -10.67 -23.52 13.35
N TYR A 227 -11.22 -24.13 12.30
CA TYR A 227 -12.17 -23.42 11.45
C TYR A 227 -13.42 -23.02 12.22
N GLN A 228 -13.88 -23.88 13.13
CA GLN A 228 -15.05 -23.54 13.94
C GLN A 228 -14.76 -22.40 14.90
N LYS A 229 -13.57 -22.38 15.49
CA LYS A 229 -13.27 -21.39 16.53
C LYS A 229 -13.03 -20.00 15.96
N THR A 230 -12.55 -19.91 14.72
CA THR A 230 -12.33 -18.60 14.11
C THR A 230 -13.40 -18.35 13.07
N PRO A 231 -14.37 -17.46 13.32
CA PRO A 231 -15.44 -17.22 12.35
C PRO A 231 -15.05 -16.32 11.20
N ALA A 232 -13.84 -15.74 11.23
CA ALA A 232 -13.39 -14.85 10.16
C ALA A 232 -12.77 -15.61 8.99
N LEU A 233 -12.68 -16.93 9.06
CA LEU A 233 -12.16 -17.74 7.98
C LEU A 233 -13.21 -18.09 6.94
N ALA A 234 -14.48 -17.81 7.20
CA ALA A 234 -15.54 -18.11 6.26
C ALA A 234 -15.78 -16.99 5.27
N VAL A 235 -15.16 -15.83 5.44
CA VAL A 235 -15.32 -14.71 4.53
C VAL A 235 -14.06 -14.59 3.68
N LYS A 236 -14.24 -14.52 2.36
CA LYS A 236 -13.13 -14.40 1.43
C LYS A 236 -13.49 -13.37 0.37
N ALA A 237 -12.56 -12.47 0.07
CA ALA A 237 -12.75 -11.43 -0.94
C ALA A 237 -11.93 -11.80 -2.17
N GLY A 238 -12.60 -11.84 -3.33
CA GLY A 238 -11.94 -12.17 -4.57
C GLY A 238 -11.64 -10.96 -5.44
N CYS A 284 -6.24 -30.98 -25.95
CA CYS A 284 -4.80 -30.82 -25.77
C CYS A 284 -4.44 -29.35 -25.55
N ALA A 285 -4.27 -28.61 -26.65
CA ALA A 285 -3.94 -27.20 -26.54
C ALA A 285 -5.07 -26.42 -25.87
N SER A 286 -6.32 -26.73 -26.22
CA SER A 286 -7.44 -26.06 -25.58
C SER A 286 -7.51 -26.36 -24.10
N GLN A 287 -7.23 -27.61 -23.72
CA GLN A 287 -7.23 -27.97 -22.30
C GLN A 287 -6.08 -27.31 -21.55
N MET A 288 -4.93 -27.14 -22.19
CA MET A 288 -3.76 -26.56 -21.56
C MET A 288 -3.66 -25.04 -21.73
N ALA A 289 -4.66 -24.43 -22.37
CA ALA A 289 -4.63 -22.98 -22.56
C ALA A 289 -4.68 -22.22 -21.23
N GLU A 290 -5.54 -22.67 -20.31
CA GLU A 290 -5.74 -21.93 -19.07
C GLU A 290 -4.62 -22.10 -18.04
N PRO A 291 -4.01 -23.28 -17.87
CA PRO A 291 -2.87 -23.35 -16.93
C PRO A 291 -1.71 -22.44 -17.33
N PHE A 292 -1.44 -22.32 -18.63
CA PHE A 292 -0.36 -21.44 -19.08
C PHE A 292 -0.71 -19.99 -18.80
N ARG A 293 -1.98 -19.61 -19.00
CA ARG A 293 -2.42 -18.26 -18.67
C ARG A 293 -2.26 -17.98 -17.19
N THR A 294 -2.63 -18.96 -16.34
CA THR A 294 -2.46 -18.79 -14.90
C THR A 294 -0.99 -18.63 -14.54
N PHE A 295 -0.13 -19.44 -15.14
CA PHE A 295 1.32 -19.33 -14.88
C PHE A 295 1.84 -17.95 -15.25
N ARG A 296 1.50 -17.48 -16.45
CA ARG A 296 1.98 -16.17 -16.90
C ARG A 296 1.45 -15.06 -16.00
N ASP A 297 0.16 -15.10 -15.68
CA ASP A 297 -0.42 -14.05 -14.85
C ASP A 297 0.21 -14.03 -13.46
N GLY A 298 0.42 -15.21 -12.87
CA GLY A 298 1.04 -15.25 -11.55
C GLY A 298 2.46 -14.71 -11.57
N TRP A 299 3.24 -15.08 -12.59
CA TRP A 299 4.61 -14.61 -12.62
C TRP A 299 4.69 -13.11 -12.87
N VAL A 300 3.86 -12.57 -13.75
CA VAL A 300 3.90 -11.13 -13.99
C VAL A 300 3.39 -10.36 -12.77
N SER A 301 2.39 -10.91 -12.07
CA SER A 301 1.92 -10.27 -10.84
C SER A 301 3.01 -10.27 -9.78
N TYR A 302 3.75 -11.37 -9.65
CA TYR A 302 4.86 -11.41 -8.71
C TYR A 302 5.94 -10.40 -9.09
N TYR A 303 6.25 -10.29 -10.39
CA TYR A 303 7.27 -9.34 -10.82
C TYR A 303 6.83 -7.90 -10.56
N ASN A 304 5.53 -7.61 -10.68
CA ASN A 304 5.04 -6.25 -10.48
C ASN A 304 4.81 -5.91 -9.01
N GLN A 305 4.96 -6.85 -8.10
CA GLN A 305 4.71 -6.58 -6.69
C GLN A 305 5.82 -5.70 -6.10
N PRO A 306 5.48 -4.78 -5.20
CA PRO A 306 6.53 -3.92 -4.61
C PRO A 306 7.46 -4.65 -3.63
N VAL A 307 7.12 -5.87 -3.23
CA VAL A 307 7.97 -6.63 -2.31
C VAL A 307 8.73 -7.68 -3.11
N PHE A 308 8.93 -7.39 -4.40
CA PHE A 308 9.60 -8.33 -5.30
C PHE A 308 11.04 -8.57 -4.88
N LEU A 309 11.74 -7.51 -4.46
CA LEU A 309 13.16 -7.62 -4.15
C LEU A 309 13.40 -8.50 -2.92
N ALA A 310 12.54 -8.39 -1.90
CA ALA A 310 12.73 -9.19 -0.70
C ALA A 310 12.58 -10.67 -0.99
N GLY A 311 11.52 -11.05 -1.71
CA GLY A 311 11.35 -12.43 -2.10
C GLY A 311 12.46 -12.91 -3.02
N MET A 312 12.92 -12.03 -3.91
CA MET A 312 14.05 -12.36 -4.78
C MET A 312 15.29 -12.70 -3.96
N GLY A 313 15.61 -11.89 -2.95
CA GLY A 313 16.75 -12.17 -2.10
C GLY A 313 16.58 -13.43 -1.27
N LEU A 314 15.37 -13.66 -0.76
CA LEU A 314 15.11 -14.89 -0.02
C LEU A 314 15.31 -16.11 -0.90
N ALA A 315 14.86 -16.04 -2.15
CA ALA A 315 15.10 -17.14 -3.08
C ALA A 315 16.59 -17.33 -3.35
N PHE A 316 17.32 -16.22 -3.55
CA PHE A 316 18.76 -16.33 -3.79
C PHE A 316 19.48 -16.91 -2.59
N LEU A 317 18.95 -16.73 -1.39
CA LEU A 317 19.58 -17.28 -0.19
C LEU A 317 19.58 -18.81 -0.16
N TYR A 318 18.71 -19.45 -0.95
CA TYR A 318 18.67 -20.91 -1.00
C TYR A 318 19.79 -21.49 -1.85
N MET A 319 20.50 -20.64 -2.60
CA MET A 319 21.63 -21.08 -3.43
C MET A 319 22.87 -21.13 -2.53
N THR A 320 23.02 -22.25 -1.85
CA THR A 320 24.11 -22.41 -0.90
C THR A 320 24.39 -23.89 -0.64
N VAL A 321 25.63 -24.17 -0.27
CA VAL A 321 26.01 -25.48 0.26
C VAL A 321 26.39 -25.41 1.73
N LEU A 322 26.34 -24.23 2.34
CA LEU A 322 26.73 -24.03 3.73
C LEU A 322 25.56 -24.27 4.69
N GLY A 323 24.92 -25.42 4.55
CA GLY A 323 23.90 -25.87 5.47
C GLY A 323 24.42 -26.93 6.40
N PHE A 324 23.53 -27.82 6.84
CA PHE A 324 23.95 -29.00 7.57
C PHE A 324 23.19 -30.26 7.17
N ASP A 325 22.29 -30.18 6.19
CA ASP A 325 21.64 -31.35 5.61
C ASP A 325 22.16 -31.64 4.21
N CYS A 326 23.31 -31.10 3.85
CA CYS A 326 23.88 -31.17 2.52
C CYS A 326 25.22 -31.90 2.55
N ILE A 327 25.95 -31.81 1.44
CA ILE A 327 27.23 -32.50 1.28
C ILE A 327 28.27 -31.97 2.25
N THR A 328 27.89 -30.98 3.07
CA THR A 328 28.79 -30.51 4.13
C THR A 328 29.09 -31.63 5.12
N THR A 329 28.08 -32.45 5.44
CA THR A 329 28.32 -33.61 6.30
C THR A 329 29.24 -34.62 5.63
N GLY A 330 29.09 -34.80 4.32
CA GLY A 330 30.02 -35.67 3.60
C GLY A 330 31.44 -35.16 3.66
N TYR A 331 31.62 -33.84 3.49
CA TYR A 331 32.95 -33.24 3.61
C TYR A 331 33.51 -33.43 5.02
N ALA A 332 32.65 -33.29 6.03
CA ALA A 332 33.08 -33.53 7.40
C ALA A 332 33.55 -34.97 7.59
N TYR A 333 32.82 -35.93 7.00
CA TYR A 333 33.22 -37.32 7.11
C TYR A 333 34.54 -37.58 6.39
N THR A 334 34.74 -36.96 5.22
CA THR A 334 35.98 -37.14 4.48
C THR A 334 37.18 -36.50 5.19
N GLN A 335 36.94 -35.57 6.10
CA GLN A 335 38.01 -34.92 6.85
C GLN A 335 38.33 -35.65 8.15
N GLY A 336 37.68 -36.78 8.41
CA GLY A 336 37.99 -37.57 9.58
C GLY A 336 37.37 -37.07 10.87
N LEU A 337 36.04 -36.95 10.90
CA LEU A 337 35.30 -36.54 12.08
C LEU A 337 34.28 -37.61 12.43
N SER A 338 34.19 -37.94 13.71
CA SER A 338 33.29 -38.99 14.17
C SER A 338 31.84 -38.51 14.14
N GLY A 339 30.93 -39.47 14.29
CA GLY A 339 29.51 -39.15 14.23
C GLY A 339 29.01 -38.37 15.44
N SER A 340 29.65 -38.53 16.59
CA SER A 340 29.26 -37.77 17.77
C SER A 340 29.50 -36.28 17.56
N ILE A 341 30.61 -35.93 16.91
CA ILE A 341 30.87 -34.53 16.59
C ILE A 341 29.78 -33.98 15.69
N LEU A 342 29.37 -34.77 14.69
CA LEU A 342 28.30 -34.34 13.79
C LEU A 342 26.99 -34.15 14.56
N SER A 343 26.69 -35.04 15.50
CA SER A 343 25.46 -34.92 16.27
C SER A 343 25.47 -33.66 17.12
N ILE A 344 26.58 -33.40 17.82
CA ILE A 344 26.61 -32.20 18.66
C ILE A 344 26.61 -30.93 17.81
N LEU A 345 27.20 -30.99 16.61
CA LEU A 345 27.14 -29.84 15.71
C LEU A 345 25.71 -29.59 15.23
N MET A 346 24.96 -30.66 14.95
CA MET A 346 23.55 -30.50 14.58
C MET A 346 22.75 -29.90 15.73
N GLY A 347 23.02 -30.35 16.95
CA GLY A 347 22.36 -29.74 18.10
C GLY A 347 22.68 -28.27 18.25
N ALA A 348 23.94 -27.90 18.03
CA ALA A 348 24.32 -26.49 18.07
C ALA A 348 23.61 -25.69 16.99
N SER A 349 23.45 -26.28 15.80
CA SER A 349 22.73 -25.61 14.73
C SER A 349 21.27 -25.36 15.11
N ALA A 350 20.62 -26.35 15.72
CA ALA A 350 19.25 -26.15 16.18
C ALA A 350 19.17 -25.07 17.25
N ILE A 351 20.12 -25.08 18.19
CA ILE A 351 20.14 -24.06 19.25
C ILE A 351 20.27 -22.67 18.65
N THR A 352 21.16 -22.52 17.66
CA THR A 352 21.34 -21.21 17.04
C THR A 352 20.12 -20.82 16.20
N GLY A 353 19.41 -21.80 15.65
CA GLY A 353 18.14 -21.46 14.99
C GLY A 353 17.12 -20.88 15.95
N ILE A 354 17.00 -21.49 17.13
CA ILE A 354 16.11 -20.94 18.15
C ILE A 354 16.56 -19.54 18.56
N MET A 355 17.88 -19.36 18.71
CA MET A 355 18.42 -18.05 19.04
C MET A 355 18.09 -17.03 17.96
N GLY A 356 18.17 -17.44 16.69
CA GLY A 356 17.80 -16.53 15.62
C GLY A 356 16.34 -16.14 15.65
N THR A 357 15.46 -17.09 16.00
CA THR A 357 14.05 -16.77 16.10
C THR A 357 13.79 -15.74 17.19
N VAL A 358 14.37 -15.95 18.38
CA VAL A 358 14.12 -15.02 19.48
C VAL A 358 14.76 -13.66 19.17
N ALA A 359 15.93 -13.66 18.53
CA ALA A 359 16.57 -12.41 18.14
C ALA A 359 15.72 -11.66 17.13
N PHE A 360 15.10 -12.38 16.19
CA PHE A 360 14.21 -11.73 15.23
C PHE A 360 13.03 -11.08 15.94
N THR A 361 12.43 -11.80 16.90
CA THR A 361 11.30 -11.20 17.62
C THR A 361 11.71 -9.93 18.33
N TRP A 362 12.84 -9.97 19.06
CA TRP A 362 13.27 -8.78 19.80
C TRP A 362 13.62 -7.63 18.86
N LEU A 363 14.31 -7.94 17.76
CA LEU A 363 14.71 -6.88 16.82
C LEU A 363 13.50 -6.27 16.13
N ARG A 364 12.50 -7.08 15.79
CA ARG A 364 11.28 -6.52 15.23
C ARG A 364 10.59 -5.61 16.22
N ARG A 365 10.53 -6.02 17.49
CA ARG A 365 9.87 -5.20 18.49
C ARG A 365 10.60 -3.88 18.70
N LYS A 366 11.92 -3.90 18.69
CA LYS A 366 12.69 -2.72 19.08
C LYS A 366 13.05 -1.79 17.93
N CYS A 367 13.30 -2.32 16.74
CA CYS A 367 13.85 -1.53 15.64
C CYS A 367 12.92 -1.40 14.45
N GLY A 368 12.29 -2.48 14.01
CA GLY A 368 11.47 -2.48 12.81
C GLY A 368 11.85 -3.60 11.86
N LEU A 369 10.94 -3.86 10.92
CA LEU A 369 11.07 -5.03 10.06
C LEU A 369 12.28 -4.90 9.12
N VAL A 370 12.39 -3.77 8.41
CA VAL A 370 13.44 -3.62 7.41
C VAL A 370 14.81 -3.57 8.07
N ARG A 371 14.92 -2.85 9.19
CA ARG A 371 16.19 -2.79 9.90
C ARG A 371 16.55 -4.14 10.52
N THR A 372 15.55 -4.90 10.96
CA THR A 372 15.81 -6.26 11.42
C THR A 372 16.38 -7.11 10.29
N GLY A 373 15.80 -7.00 9.10
CA GLY A 373 16.35 -7.72 7.96
C GLY A 373 17.77 -7.31 7.64
N LEU A 374 18.06 -6.01 7.70
CA LEU A 374 19.41 -5.54 7.45
C LEU A 374 20.40 -6.09 8.48
N ILE A 375 20.02 -6.09 9.76
CA ILE A 375 20.91 -6.60 10.80
C ILE A 375 21.16 -8.09 10.61
N SER A 376 20.10 -8.85 10.29
CA SER A 376 20.26 -10.28 10.05
C SER A 376 21.17 -10.53 8.86
N GLY A 377 21.02 -9.74 7.79
CA GLY A 377 21.88 -9.89 6.64
C GLY A 377 23.34 -9.59 6.97
N LEU A 378 23.59 -8.53 7.74
CA LEU A 378 24.95 -8.20 8.12
C LEU A 378 25.57 -9.32 8.96
N ALA A 379 24.80 -9.85 9.91
CA ALA A 379 25.31 -10.97 10.72
C ALA A 379 25.67 -12.16 9.84
N GLN A 380 24.74 -12.56 8.95
CA GLN A 380 24.99 -13.71 8.10
C GLN A 380 26.20 -13.47 7.19
N LEU A 381 26.36 -12.24 6.70
CA LEU A 381 27.51 -11.94 5.86
C LEU A 381 28.81 -12.04 6.64
N SER A 382 28.82 -11.60 7.90
CA SER A 382 30.00 -11.77 8.73
C SER A 382 30.35 -13.24 8.91
N CYS A 383 29.33 -14.07 9.14
CA CYS A 383 29.57 -15.51 9.27
C CYS A 383 30.12 -16.07 7.97
N LEU A 384 29.59 -15.64 6.84
CA LEU A 384 30.01 -16.16 5.54
C LEU A 384 31.45 -15.74 5.22
N ILE A 385 31.86 -14.53 5.61
CA ILE A 385 33.25 -14.13 5.39
C ILE A 385 34.16 -14.88 6.36
N LEU A 386 33.67 -15.25 7.54
CA LEU A 386 34.44 -16.17 8.38
C LEU A 386 34.68 -17.49 7.66
N CYS A 387 33.64 -18.02 7.00
CA CYS A 387 33.81 -19.25 6.23
C CYS A 387 34.78 -19.05 5.07
N VAL A 388 34.72 -17.89 4.41
CA VAL A 388 35.63 -17.59 3.31
C VAL A 388 37.07 -17.55 3.80
N ILE A 389 37.30 -16.96 4.98
CA ILE A 389 38.62 -17.04 5.58
C ILE A 389 39.00 -18.49 5.85
N SER A 390 38.02 -19.30 6.25
CA SER A 390 38.29 -20.70 6.57
C SER A 390 38.78 -21.48 5.36
N VAL A 391 38.17 -21.27 4.20
CA VAL A 391 38.46 -22.14 3.05
C VAL A 391 39.91 -21.97 2.58
N PHE A 392 40.48 -20.79 2.76
CA PHE A 392 41.86 -20.55 2.32
C PHE A 392 42.90 -20.98 3.35
N MET A 393 42.48 -21.42 4.54
CA MET A 393 43.41 -21.89 5.54
C MET A 393 43.95 -23.27 5.14
N PRO A 394 45.07 -23.69 5.74
CA PRO A 394 45.60 -25.03 5.41
C PRO A 394 44.57 -26.12 5.65
N GLY A 395 44.53 -27.07 4.74
CA GLY A 395 43.55 -28.12 4.73
C GLY A 395 43.30 -28.61 3.31
N SER A 396 42.07 -29.02 3.05
CA SER A 396 41.72 -29.48 1.71
C SER A 396 41.75 -28.30 0.75
N PRO A 397 42.19 -28.52 -0.50
CA PRO A 397 42.26 -27.48 -1.53
C PRO A 397 40.90 -26.85 -1.84
N PRO A 451 45.33 -28.81 10.64
CA PRO A 451 44.37 -29.53 9.80
C PRO A 451 42.94 -29.42 10.31
N ILE A 452 42.78 -29.15 11.60
CA ILE A 452 41.44 -29.00 12.17
C ILE A 452 40.96 -27.55 12.13
N ILE A 453 41.85 -26.59 11.89
CA ILE A 453 41.47 -25.18 11.91
C ILE A 453 40.45 -24.89 10.82
N SER A 454 40.68 -25.43 9.61
CA SER A 454 39.79 -25.16 8.49
C SER A 454 38.38 -25.64 8.77
N VAL A 455 38.24 -26.90 9.20
CA VAL A 455 36.91 -27.45 9.43
C VAL A 455 36.25 -26.77 10.62
N SER A 456 37.02 -26.45 11.66
CA SER A 456 36.45 -25.77 12.83
C SER A 456 35.89 -24.41 12.44
N LEU A 457 36.68 -23.61 11.70
CA LEU A 457 36.21 -22.29 11.28
C LEU A 457 35.02 -22.41 10.35
N LEU A 458 35.05 -23.38 9.43
CA LEU A 458 33.92 -23.57 8.52
C LEU A 458 32.65 -23.89 9.28
N PHE A 459 32.73 -24.78 10.27
CA PHE A 459 31.54 -25.17 11.01
C PHE A 459 31.02 -24.02 11.87
N ALA A 460 31.91 -23.26 12.51
CA ALA A 460 31.45 -22.10 13.28
C ALA A 460 30.75 -21.10 12.37
N GLY A 461 31.33 -20.83 11.21
CA GLY A 461 30.68 -19.96 10.24
C GLY A 461 29.33 -20.48 9.81
N VAL A 462 29.22 -21.80 9.61
CA VAL A 462 27.94 -22.38 9.19
C VAL A 462 26.88 -22.17 10.26
N ILE A 463 27.22 -22.43 11.52
CA ILE A 463 26.25 -22.31 12.61
C ILE A 463 25.77 -20.86 12.75
N ALA A 464 26.72 -19.92 12.76
CA ALA A 464 26.33 -18.52 12.87
C ALA A 464 25.57 -18.05 11.62
N ALA A 465 25.87 -18.62 10.46
CA ALA A 465 25.07 -18.37 9.27
C ALA A 465 23.66 -18.87 9.46
N ARG A 466 23.49 -20.01 10.14
CA ARG A 466 22.15 -20.53 10.40
C ARG A 466 21.32 -19.54 11.21
N ILE A 467 21.90 -19.01 12.29
CA ILE A 467 21.12 -18.07 13.11
C ILE A 467 20.76 -16.82 12.31
N GLY A 468 21.75 -16.24 11.60
CA GLY A 468 21.45 -15.07 10.79
C GLY A 468 20.40 -15.33 9.72
N LEU A 469 20.52 -16.48 9.05
CA LEU A 469 19.59 -16.82 7.98
C LEU A 469 18.18 -17.00 8.50
N TRP A 470 18.03 -17.62 9.68
CA TRP A 470 16.69 -17.79 10.23
C TRP A 470 16.07 -16.44 10.57
N SER A 471 16.86 -15.52 11.13
CA SER A 471 16.33 -14.18 11.40
C SER A 471 15.87 -13.52 10.11
N PHE A 472 16.70 -13.58 9.06
CA PHE A 472 16.34 -12.95 7.79
C PHE A 472 15.10 -13.59 7.18
N ASP A 473 14.99 -14.92 7.26
CA ASP A 473 13.84 -15.62 6.69
C ASP A 473 12.57 -15.22 7.41
N LEU A 474 12.61 -15.11 8.74
CA LEU A 474 11.42 -14.66 9.47
C LEU A 474 11.03 -13.24 9.06
N THR A 475 12.01 -12.35 8.93
CA THR A 475 11.71 -10.99 8.50
C THR A 475 11.03 -10.97 7.13
N VAL A 476 11.58 -11.73 6.18
CA VAL A 476 11.06 -11.70 4.81
C VAL A 476 9.66 -12.31 4.75
N THR A 477 9.44 -13.40 5.50
CA THR A 477 8.12 -14.03 5.45
C THR A 477 7.07 -13.14 6.10
N GLN A 478 7.42 -12.41 7.17
CA GLN A 478 6.47 -11.44 7.72
C GLN A 478 6.19 -10.32 6.73
N LEU A 479 7.22 -9.83 6.04
CA LEU A 479 7.02 -8.79 5.04
C LEU A 479 6.08 -9.25 3.94
N LEU A 480 6.25 -10.49 3.46
CA LEU A 480 5.35 -11.02 2.44
C LEU A 480 3.95 -11.22 2.99
N GLN A 481 3.83 -11.61 4.26
CA GLN A 481 2.52 -11.86 4.85
C GLN A 481 1.70 -10.58 4.95
N GLU A 482 2.31 -9.49 5.42
CA GLU A 482 1.54 -8.30 5.78
C GLU A 482 1.40 -7.27 4.67
N ASN A 483 2.07 -7.47 3.52
CA ASN A 483 2.02 -6.48 2.45
C ASN A 483 1.47 -7.05 1.14
N VAL A 484 0.67 -8.12 1.21
CA VAL A 484 0.09 -8.73 0.03
C VAL A 484 -1.43 -8.79 0.21
N ILE A 485 -2.16 -8.37 -0.82
CA ILE A 485 -3.62 -8.40 -0.76
C ILE A 485 -4.11 -9.83 -0.57
N GLU A 486 -5.20 -9.98 0.17
CA GLU A 486 -5.70 -11.32 0.49
C GLU A 486 -6.33 -12.02 -0.71
N SER A 487 -6.53 -11.30 -1.82
CA SER A 487 -7.05 -11.92 -3.03
C SER A 487 -5.95 -12.45 -3.95
N GLU A 488 -4.68 -12.29 -3.57
CA GLU A 488 -3.56 -12.78 -4.37
C GLU A 488 -2.48 -13.39 -3.49
N ARG A 489 -2.83 -13.83 -2.28
CA ARG A 489 -1.84 -14.40 -1.37
C ARG A 489 -1.27 -15.69 -1.93
N GLY A 490 -2.15 -16.60 -2.35
CA GLY A 490 -1.71 -17.92 -2.76
C GLY A 490 -0.80 -17.90 -3.98
N ILE A 491 -1.14 -17.10 -4.98
CA ILE A 491 -0.36 -17.09 -6.21
C ILE A 491 1.03 -16.51 -5.98
N ILE A 492 1.12 -15.45 -5.17
CA ILE A 492 2.42 -14.84 -4.89
C ILE A 492 3.27 -15.79 -4.05
N ASN A 493 2.67 -16.43 -3.05
CA ASN A 493 3.44 -17.37 -2.23
C ASN A 493 3.89 -18.57 -3.05
N GLY A 494 3.05 -19.03 -3.99
CA GLY A 494 3.44 -20.13 -4.85
C GLY A 494 4.59 -19.77 -5.77
N VAL A 495 4.57 -18.55 -6.32
CA VAL A 495 5.67 -18.13 -7.18
C VAL A 495 6.95 -17.98 -6.36
N GLN A 496 6.83 -17.52 -5.11
CA GLN A 496 7.98 -17.46 -4.22
C GLN A 496 8.58 -18.84 -3.98
N ASN A 497 7.71 -19.83 -3.71
CA ASN A 497 8.19 -21.20 -3.54
C ASN A 497 8.84 -21.71 -4.81
N SER A 498 8.27 -21.36 -5.97
CA SER A 498 8.85 -21.79 -7.24
C SER A 498 10.25 -21.23 -7.43
N MET A 499 10.46 -19.96 -7.10
CA MET A 499 11.80 -19.39 -7.21
C MET A 499 12.77 -20.02 -6.22
N ASN A 500 12.31 -20.27 -4.99
CA ASN A 500 13.17 -20.92 -4.00
C ASN A 500 13.64 -22.28 -4.52
N TYR A 501 12.72 -23.08 -5.05
CA TYR A 501 13.12 -24.39 -5.55
C TYR A 501 13.84 -24.31 -6.89
N LEU A 502 13.70 -23.22 -7.64
CA LEU A 502 14.57 -23.01 -8.79
C LEU A 502 16.01 -22.83 -8.36
N LEU A 503 16.23 -22.02 -7.31
CA LEU A 503 17.58 -21.87 -6.79
C LEU A 503 18.10 -23.19 -6.22
N ASP A 504 17.21 -23.96 -5.57
CA ASP A 504 17.62 -25.29 -5.08
C ASP A 504 17.99 -26.22 -6.24
N LEU A 505 17.25 -26.13 -7.35
CA LEU A 505 17.58 -26.91 -8.54
C LEU A 505 18.95 -26.53 -9.06
N LEU A 506 19.25 -25.23 -9.11
CA LEU A 506 20.58 -24.79 -9.53
C LEU A 506 21.66 -25.34 -8.59
N HIS A 507 21.38 -25.35 -7.28
CA HIS A 507 22.34 -25.89 -6.32
C HIS A 507 22.59 -27.38 -6.55
N PHE A 508 21.51 -28.14 -6.82
CA PHE A 508 21.67 -29.55 -7.11
C PHE A 508 22.49 -29.77 -8.39
N ILE A 509 22.24 -28.95 -9.41
CA ILE A 509 23.00 -29.06 -10.65
C ILE A 509 24.49 -28.80 -10.39
N MET A 510 24.78 -27.76 -9.61
CA MET A 510 26.17 -27.45 -9.29
C MET A 510 26.83 -28.58 -8.52
N VAL A 511 26.11 -29.17 -7.56
CA VAL A 511 26.66 -30.28 -6.80
C VAL A 511 26.93 -31.48 -7.72
N ILE A 512 26.04 -31.70 -8.69
CA ILE A 512 26.27 -32.77 -9.67
C ILE A 512 27.54 -32.51 -10.46
N LEU A 513 27.76 -31.26 -10.87
CA LEU A 513 28.88 -30.96 -11.75
C LEU A 513 30.22 -31.13 -11.06
N ALA A 514 30.30 -30.87 -9.75
CA ALA A 514 31.57 -30.91 -9.01
C ALA A 514 31.40 -31.80 -7.79
N PRO A 515 31.54 -33.12 -7.95
CA PRO A 515 31.31 -34.02 -6.81
C PRO A 515 32.55 -34.28 -5.95
N ASN A 516 33.73 -34.08 -6.52
CA ASN A 516 34.95 -34.45 -5.82
C ASN A 516 35.23 -33.50 -4.65
N PRO A 517 35.80 -34.02 -3.56
CA PRO A 517 36.16 -33.14 -2.44
C PRO A 517 37.07 -31.98 -2.81
N GLU A 518 37.98 -32.19 -3.76
CA GLU A 518 39.04 -31.21 -4.01
C GLU A 518 38.47 -29.87 -4.43
N ALA A 519 37.42 -29.87 -5.25
CA ALA A 519 36.81 -28.63 -5.71
C ALA A 519 35.75 -28.11 -4.75
N PHE A 520 35.45 -28.83 -3.67
CA PHE A 520 34.35 -28.44 -2.78
C PHE A 520 34.54 -27.03 -2.25
N GLY A 521 35.77 -26.68 -1.85
CA GLY A 521 36.02 -25.35 -1.37
C GLY A 521 35.61 -24.27 -2.36
N LEU A 522 35.93 -24.49 -3.64
CA LEU A 522 35.50 -23.56 -4.67
C LEU A 522 33.99 -23.39 -4.62
N LEU A 523 33.26 -24.50 -4.54
CA LEU A 523 31.80 -24.44 -4.45
C LEU A 523 31.38 -23.53 -3.32
N VAL A 524 32.05 -23.64 -2.17
CA VAL A 524 31.70 -22.83 -1.01
C VAL A 524 31.71 -21.35 -1.38
N LEU A 525 32.78 -20.91 -2.05
CA LEU A 525 32.88 -19.51 -2.44
C LEU A 525 31.66 -19.08 -3.24
N ILE A 526 31.28 -19.90 -4.22
CA ILE A 526 30.12 -19.55 -5.05
C ILE A 526 28.91 -19.30 -4.17
N SER A 527 28.65 -20.23 -3.25
CA SER A 527 27.52 -20.07 -2.33
C SER A 527 27.60 -18.72 -1.64
N VAL A 528 28.77 -18.39 -1.08
CA VAL A 528 28.92 -17.14 -0.36
C VAL A 528 28.52 -15.99 -1.25
N SER A 529 29.03 -15.97 -2.48
CA SER A 529 28.76 -14.87 -3.40
C SER A 529 27.26 -14.69 -3.55
N PHE A 530 26.54 -15.78 -3.81
CA PHE A 530 25.11 -15.64 -4.06
C PHE A 530 24.42 -15.06 -2.84
N VAL A 531 24.80 -15.50 -1.64
CA VAL A 531 24.21 -14.96 -0.43
C VAL A 531 24.36 -13.45 -0.42
N ALA A 532 25.58 -12.97 -0.67
CA ALA A 532 25.83 -11.54 -0.71
C ALA A 532 24.87 -10.87 -1.68
N MET A 533 24.77 -11.42 -2.89
CA MET A 533 23.90 -10.84 -3.90
C MET A 533 22.50 -10.63 -3.33
N GLY A 534 21.95 -11.68 -2.72
CA GLY A 534 20.61 -11.56 -2.17
C GLY A 534 20.48 -10.39 -1.22
N HIS A 535 21.41 -10.31 -0.26
CA HIS A 535 21.34 -9.24 0.72
C HIS A 535 21.47 -7.89 0.03
N ILE A 536 22.37 -7.79 -0.95
CA ILE A 536 22.53 -6.54 -1.69
C ILE A 536 21.20 -6.13 -2.27
N MET A 537 20.50 -7.08 -2.90
CA MET A 537 19.20 -6.78 -3.48
C MET A 537 18.22 -6.32 -2.41
N TYR A 538 18.20 -7.00 -1.26
CA TYR A 538 17.34 -6.56 -0.17
C TYR A 538 17.69 -5.14 0.24
N PHE A 539 18.99 -4.82 0.25
CA PHE A 539 19.41 -3.47 0.60
C PHE A 539 18.70 -2.44 -0.27
N ARG A 540 18.64 -2.71 -1.58
CA ARG A 540 17.96 -1.77 -2.47
C ARG A 540 16.51 -1.60 -2.04
N PHE A 541 15.82 -2.70 -1.74
CA PHE A 541 14.46 -2.63 -1.25
C PHE A 541 14.38 -1.72 -0.03
N ALA A 542 15.33 -1.89 0.90
CA ALA A 542 15.34 -1.06 2.10
C ALA A 542 15.37 0.42 1.73
N GLN A 543 16.22 0.77 0.77
CA GLN A 543 16.29 2.16 0.33
C GLN A 543 14.91 2.63 -0.16
N ASN A 544 14.27 1.81 -1.00
CA ASN A 544 12.98 2.21 -1.56
C ASN A 544 11.92 2.36 -0.49
N THR A 545 12.17 1.85 0.72
CA THR A 545 11.24 2.02 1.82
C THR A 545 11.74 3.01 2.87
N LEU A 546 13.04 3.32 2.89
CA LEU A 546 13.60 4.11 3.98
C LEU A 546 14.41 5.32 3.55
N GLY A 547 15.00 5.32 2.36
CA GLY A 547 15.78 6.46 1.92
C GLY A 547 17.05 6.70 2.71
N ASN A 548 17.19 7.87 3.30
CA ASN A 548 18.40 8.27 3.99
C ASN A 548 18.37 7.97 5.49
N LYS A 549 17.28 7.42 5.99
CA LYS A 549 17.15 7.06 7.41
C LYS A 549 17.43 5.59 7.66
N LEU A 550 18.37 5.02 6.90
CA LEU A 550 18.61 3.59 6.98
C LEU A 550 19.21 3.19 8.32
N PHE A 551 20.26 3.89 8.76
CA PHE A 551 20.96 3.56 9.99
C PHE A 551 20.50 4.45 11.14
N ALA A 552 19.23 4.29 11.51
CA ALA A 552 18.67 5.05 12.63
C ALA A 552 17.50 4.24 13.19
N CYS A 553 17.71 3.62 14.34
CA CYS A 553 16.70 2.79 14.99
C CYS A 553 16.21 3.48 16.25
N GLY A 554 14.90 3.47 16.45
CA GLY A 554 14.29 4.08 17.61
C GLY A 554 13.51 5.33 17.26
N PRO A 555 12.85 5.92 18.24
CA PRO A 555 12.08 7.15 17.99
C PRO A 555 12.99 8.29 17.58
N ASP A 556 12.48 9.13 16.68
CA ASP A 556 13.24 10.28 16.20
C ASP A 556 13.41 11.31 17.31
N ALA A 557 14.61 11.88 17.38
CA ALA A 557 14.92 12.88 18.40
C ALA A 557 15.98 13.86 17.91
N ASP B 1 11.74 10.83 -8.28
CA ASP B 1 10.51 10.21 -7.79
C ASP B 1 9.58 9.83 -8.93
N ILE B 2 8.39 9.37 -8.60
CA ILE B 2 7.38 8.99 -9.58
C ILE B 2 6.38 10.13 -9.68
N VAL B 3 6.28 10.72 -10.87
CA VAL B 3 5.36 11.83 -11.10
C VAL B 3 4.12 11.29 -11.80
N MET B 4 2.96 11.52 -11.20
CA MET B 4 1.68 11.10 -11.75
C MET B 4 1.01 12.30 -12.42
N THR B 5 0.72 12.17 -13.71
CA THR B 5 0.12 13.23 -14.49
C THR B 5 -1.25 12.80 -14.99
N GLN B 6 -2.26 13.61 -14.70
CA GLN B 6 -3.60 13.43 -15.25
C GLN B 6 -3.81 14.53 -16.28
N SER B 7 -4.05 14.12 -17.53
CA SER B 7 -4.08 15.08 -18.64
C SER B 7 -5.19 16.10 -18.46
N GLN B 8 -6.44 15.64 -18.46
CA GLN B 8 -7.57 16.55 -18.38
C GLN B 8 -7.81 16.98 -16.94
N LYS B 9 -8.10 18.28 -16.78
CA LYS B 9 -8.46 18.83 -15.47
C LYS B 9 -9.94 19.09 -15.33
N PHE B 10 -10.65 19.33 -16.44
CA PHE B 10 -12.09 19.54 -16.44
C PHE B 10 -12.68 18.71 -17.57
N MET B 11 -13.46 17.71 -17.21
CA MET B 11 -14.11 16.83 -18.18
C MET B 11 -15.61 17.14 -18.20
N SER B 12 -16.10 17.58 -19.35
CA SER B 12 -17.51 17.90 -19.50
C SER B 12 -18.27 16.67 -19.99
N THR B 13 -19.36 16.35 -19.29
CA THR B 13 -20.07 15.10 -19.53
C THR B 13 -21.56 15.34 -19.33
N SER B 14 -22.35 14.33 -19.68
CA SER B 14 -23.79 14.34 -19.50
C SER B 14 -24.23 13.09 -18.74
N VAL B 15 -25.45 13.14 -18.21
CA VAL B 15 -25.96 12.03 -17.41
C VAL B 15 -26.25 10.84 -18.29
N GLY B 16 -25.73 9.67 -17.90
CA GLY B 16 -25.98 8.46 -18.63
C GLY B 16 -24.95 8.09 -19.68
N ASP B 17 -23.78 8.72 -19.66
CA ASP B 17 -22.74 8.44 -20.63
C ASP B 17 -21.49 7.93 -19.92
N ARG B 18 -20.75 7.06 -20.61
CA ARG B 18 -19.52 6.52 -20.05
C ARG B 18 -18.47 7.62 -19.90
N VAL B 19 -17.73 7.57 -18.80
CA VAL B 19 -16.71 8.56 -18.49
C VAL B 19 -15.38 7.84 -18.28
N SER B 20 -14.33 8.30 -18.96
CA SER B 20 -13.00 7.71 -18.84
C SER B 20 -12.03 8.76 -18.33
N ILE B 21 -11.34 8.44 -17.24
CA ILE B 21 -10.30 9.30 -16.67
C ILE B 21 -8.97 8.55 -16.73
N THR B 22 -7.94 9.21 -17.26
CA THR B 22 -6.64 8.60 -17.50
C THR B 22 -5.64 9.02 -16.45
N CYS B 23 -4.65 8.16 -16.22
CA CYS B 23 -3.58 8.42 -15.26
C CYS B 23 -2.30 7.82 -15.81
N LYS B 24 -1.26 8.63 -15.92
CA LYS B 24 0.00 8.22 -16.52
C LYS B 24 1.11 8.31 -15.49
N ALA B 25 2.01 7.33 -15.51
CA ALA B 25 3.14 7.26 -14.59
C ALA B 25 4.44 7.59 -15.30
N SER B 26 5.37 8.16 -14.53
CA SER B 26 6.69 8.47 -15.08
C SER B 26 7.54 7.22 -15.25
N GLN B 27 7.38 6.23 -14.37
CA GLN B 27 8.09 4.96 -14.49
C GLN B 27 7.09 3.81 -14.50
N ASN B 28 7.59 2.58 -14.40
CA ASN B 28 6.74 1.39 -14.42
C ASN B 28 6.36 1.08 -12.98
N VAL B 29 5.15 1.49 -12.58
CA VAL B 29 4.66 1.20 -11.24
C VAL B 29 4.07 -0.20 -11.11
N GLY B 30 3.84 -0.88 -12.23
CA GLY B 30 3.24 -2.19 -12.20
C GLY B 30 1.72 -2.13 -12.16
N THR B 31 1.12 -2.69 -11.11
CA THR B 31 -0.31 -2.66 -10.92
C THR B 31 -0.71 -1.93 -9.65
N ALA B 32 0.18 -1.08 -9.12
CA ALA B 32 -0.04 -0.41 -7.84
C ALA B 32 -0.58 0.99 -8.10
N VAL B 33 -1.89 1.07 -8.34
CA VAL B 33 -2.58 2.34 -8.51
C VAL B 33 -3.92 2.26 -7.78
N ALA B 34 -4.21 3.26 -6.97
CA ALA B 34 -5.46 3.34 -6.23
C ALA B 34 -6.16 4.65 -6.59
N TRP B 35 -7.47 4.56 -6.83
CA TRP B 35 -8.27 5.70 -7.26
C TRP B 35 -9.11 6.19 -6.09
N TYR B 36 -9.08 7.50 -5.85
CA TYR B 36 -9.85 8.13 -4.79
C TYR B 36 -10.77 9.18 -5.37
N GLN B 37 -11.96 9.27 -4.81
CA GLN B 37 -12.97 10.24 -5.21
C GLN B 37 -13.34 11.10 -4.02
N LYS B 38 -13.41 12.41 -4.23
CA LYS B 38 -13.72 13.33 -3.14
C LYS B 38 -14.64 14.43 -3.65
N LYS B 39 -15.72 14.66 -2.92
CA LYS B 39 -16.68 15.73 -3.11
C LYS B 39 -16.20 16.98 -2.38
N PRO B 40 -16.65 18.18 -2.76
CA PRO B 40 -16.03 19.38 -2.21
C PRO B 40 -16.45 19.69 -0.77
N GLY B 41 -15.48 19.66 0.13
CA GLY B 41 -15.71 19.85 1.54
C GLY B 41 -15.76 18.58 2.37
N GLN B 42 -15.39 17.44 1.80
CA GLN B 42 -15.43 16.16 2.51
C GLN B 42 -14.12 15.42 2.29
N SER B 43 -13.84 14.47 3.18
CA SER B 43 -12.64 13.69 3.09
C SER B 43 -12.68 12.77 1.86
N PRO B 44 -11.53 12.46 1.28
CA PRO B 44 -11.51 11.58 0.11
C PRO B 44 -12.01 10.18 0.44
N LYS B 45 -12.64 9.55 -0.54
CA LYS B 45 -13.19 8.21 -0.42
C LYS B 45 -12.37 7.23 -1.23
N LEU B 46 -12.78 5.96 -1.17
CA LEU B 46 -12.07 4.86 -1.82
C LEU B 46 -12.95 4.26 -2.90
N LEU B 47 -12.40 4.11 -4.10
CA LEU B 47 -13.14 3.50 -5.20
C LEU B 47 -12.50 2.20 -5.68
N ILE B 48 -11.24 2.22 -6.11
CA ILE B 48 -10.57 1.08 -6.72
C ILE B 48 -9.15 0.99 -6.14
N TYR B 49 -8.70 -0.24 -5.89
CA TYR B 49 -7.33 -0.48 -5.47
C TYR B 49 -6.72 -1.58 -6.34
N SER B 50 -5.40 -1.52 -6.49
CA SER B 50 -4.64 -2.40 -7.38
C SER B 50 -5.05 -2.24 -8.84
N ALA B 51 -5.69 -1.12 -9.17
CA ALA B 51 -6.03 -0.70 -10.52
C ALA B 51 -7.13 -1.55 -11.14
N SER B 52 -7.53 -2.64 -10.49
CA SER B 52 -8.62 -3.46 -10.99
C SER B 52 -9.65 -3.85 -9.93
N ASN B 53 -9.28 -3.92 -8.65
CA ASN B 53 -10.16 -4.45 -7.62
C ASN B 53 -11.01 -3.34 -7.02
N ARG B 54 -12.32 -3.54 -6.97
CA ARG B 54 -13.25 -2.56 -6.45
C ARG B 54 -13.49 -2.79 -4.96
N TYR B 55 -13.48 -1.70 -4.19
CA TYR B 55 -13.64 -1.78 -2.75
C TYR B 55 -15.06 -2.19 -2.39
N SER B 56 -15.22 -2.67 -1.16
CA SER B 56 -16.51 -3.15 -0.67
C SER B 56 -17.41 -1.95 -0.40
N GLY B 57 -18.48 -1.83 -1.18
CA GLY B 57 -19.43 -0.75 -1.05
C GLY B 57 -19.53 0.14 -2.27
N VAL B 58 -18.50 0.18 -3.10
CA VAL B 58 -18.52 1.02 -4.31
C VAL B 58 -19.53 0.45 -5.29
N PRO B 59 -20.31 1.28 -5.98
CA PRO B 59 -21.21 0.77 -7.01
C PRO B 59 -20.43 0.11 -8.15
N ASP B 60 -21.08 -0.83 -8.83
CA ASP B 60 -20.44 -1.61 -9.88
C ASP B 60 -20.12 -0.81 -11.13
N ARG B 61 -20.63 0.43 -11.23
CA ARG B 61 -20.39 1.22 -12.44
C ARG B 61 -18.96 1.71 -12.54
N PHE B 62 -18.19 1.65 -11.46
CA PHE B 62 -16.78 2.05 -11.49
C PHE B 62 -15.93 0.83 -11.86
N THR B 63 -15.14 0.96 -12.92
CA THR B 63 -14.26 -0.11 -13.37
C THR B 63 -12.88 0.45 -13.65
N GLY B 64 -11.85 -0.17 -13.07
CA GLY B 64 -10.48 0.24 -13.28
C GLY B 64 -9.79 -0.71 -14.24
N SER B 65 -8.87 -0.17 -15.04
CA SER B 65 -8.12 -0.98 -15.98
C SER B 65 -6.78 -0.30 -16.25
N GLY B 66 -5.88 -1.05 -16.89
CA GLY B 66 -4.57 -0.54 -17.24
C GLY B 66 -3.47 -1.24 -16.45
N SER B 67 -2.25 -0.93 -16.86
CA SER B 67 -1.07 -1.58 -16.27
C SER B 67 0.19 -0.91 -16.79
N GLY B 68 1.23 -0.96 -15.97
CA GLY B 68 2.54 -0.48 -16.36
C GLY B 68 2.72 1.02 -16.24
N THR B 69 2.18 1.77 -17.20
CA THR B 69 2.33 3.22 -17.20
C THR B 69 0.98 3.91 -17.34
N ASP B 70 0.04 3.28 -18.04
CA ASP B 70 -1.25 3.86 -18.33
C ASP B 70 -2.34 3.16 -17.53
N PHE B 71 -3.19 3.96 -16.90
CA PHE B 71 -4.33 3.45 -16.14
C PHE B 71 -5.55 4.29 -16.47
N THR B 72 -6.73 3.69 -16.33
CA THR B 72 -7.97 4.38 -16.67
C THR B 72 -9.11 3.90 -15.78
N LEU B 73 -9.88 4.86 -15.29
CA LEU B 73 -11.09 4.60 -14.51
C LEU B 73 -12.30 4.96 -15.36
N THR B 74 -13.26 4.05 -15.44
CA THR B 74 -14.43 4.21 -16.30
C THR B 74 -15.71 4.10 -15.49
N ILE B 75 -16.64 5.00 -15.78
CA ILE B 75 -17.99 4.98 -15.22
C ILE B 75 -18.94 4.64 -16.36
N SER B 76 -19.71 3.56 -16.19
CA SER B 76 -20.58 3.10 -17.27
C SER B 76 -21.76 4.06 -17.48
N ASN B 77 -22.39 4.50 -16.40
CA ASN B 77 -23.55 5.38 -16.49
C ASN B 77 -23.40 6.47 -15.44
N MET B 78 -23.09 7.69 -15.88
CA MET B 78 -22.89 8.79 -14.96
C MET B 78 -24.20 9.20 -14.30
N GLN B 79 -24.14 9.46 -13.00
CA GLN B 79 -25.28 9.94 -12.23
C GLN B 79 -24.91 11.25 -11.55
N SER B 80 -25.94 11.93 -11.02
CA SER B 80 -25.73 13.22 -10.39
C SER B 80 -24.87 13.14 -9.13
N GLU B 81 -24.72 11.96 -8.55
CA GLU B 81 -23.92 11.78 -7.34
C GLU B 81 -22.47 11.44 -7.64
N ASP B 82 -22.07 11.41 -8.91
CA ASP B 82 -20.71 11.08 -9.30
C ASP B 82 -19.90 12.30 -9.71
N LEU B 83 -20.44 13.50 -9.56
CA LEU B 83 -19.73 14.73 -9.91
C LEU B 83 -18.82 15.11 -8.75
N ALA B 84 -17.53 14.79 -8.87
CA ALA B 84 -16.57 15.04 -7.81
C ALA B 84 -15.17 15.11 -8.44
N ASP B 85 -14.15 15.05 -7.59
CA ASP B 85 -12.77 15.11 -8.03
C ASP B 85 -12.13 13.74 -7.82
N TYR B 86 -11.55 13.19 -8.88
CA TYR B 86 -10.94 11.87 -8.85
C TYR B 86 -9.44 11.98 -9.06
N PHE B 87 -8.67 11.24 -8.27
CA PHE B 87 -7.23 11.25 -8.41
C PHE B 87 -6.65 9.84 -8.21
N CYS B 88 -5.46 9.63 -8.76
CA CYS B 88 -4.78 8.35 -8.71
C CYS B 88 -3.52 8.47 -7.85
N GLN B 89 -3.24 7.43 -7.07
CA GLN B 89 -2.08 7.38 -6.19
C GLN B 89 -1.34 6.07 -6.39
N GLN B 90 -0.02 6.15 -6.42
CA GLN B 90 0.83 4.97 -6.53
C GLN B 90 1.39 4.59 -5.16
N TYR B 91 1.72 3.31 -5.02
CA TYR B 91 2.41 2.84 -3.82
C TYR B 91 3.53 1.88 -4.17
N GLY B 92 4.04 1.96 -5.40
CA GLY B 92 5.17 1.13 -5.78
C GLY B 92 6.45 1.51 -5.06
N SER B 93 6.66 2.81 -4.85
CA SER B 93 7.86 3.29 -4.20
C SER B 93 7.55 4.58 -3.45
N TYR B 94 8.43 4.92 -2.51
CA TYR B 94 8.34 6.09 -1.66
C TYR B 94 9.23 7.20 -2.19
N PRO B 95 8.83 8.47 -2.00
CA PRO B 95 7.64 8.96 -1.31
C PRO B 95 6.36 8.80 -2.14
N LEU B 96 5.22 8.65 -1.47
CA LEU B 96 3.96 8.50 -2.17
C LEU B 96 3.59 9.78 -2.89
N THR B 97 3.08 9.64 -4.11
CA THR B 97 2.66 10.77 -4.93
C THR B 97 1.21 10.60 -5.35
N PHE B 98 0.49 11.72 -5.36
CA PHE B 98 -0.92 11.75 -5.72
C PHE B 98 -1.08 12.41 -7.08
N GLY B 99 -2.25 12.19 -7.70
CA GLY B 99 -2.52 12.80 -8.97
C GLY B 99 -2.97 14.25 -8.83
N SER B 100 -2.99 14.94 -9.97
CA SER B 100 -3.43 16.33 -9.98
C SER B 100 -4.93 16.45 -9.71
N GLY B 101 -5.71 15.50 -10.20
CA GLY B 101 -7.14 15.49 -9.99
C GLY B 101 -7.91 15.95 -11.21
N THR B 102 -9.10 15.40 -11.39
CA THR B 102 -9.99 15.76 -12.48
C THR B 102 -11.38 16.04 -11.92
N LYS B 103 -11.94 17.19 -12.29
CA LYS B 103 -13.27 17.59 -11.85
C LYS B 103 -14.27 17.37 -12.98
N LEU B 104 -15.40 16.75 -12.65
CA LEU B 104 -16.41 16.42 -13.64
C LEU B 104 -17.57 17.41 -13.52
N GLU B 105 -17.95 18.01 -14.64
CA GLU B 105 -19.05 18.96 -14.67
C GLU B 105 -19.99 18.60 -15.81
N ILE B 106 -21.26 18.97 -15.64
CA ILE B 106 -22.30 18.57 -16.59
C ILE B 106 -22.22 19.43 -17.85
N LYS B 107 -22.89 18.97 -18.89
CA LYS B 107 -22.93 19.63 -20.19
C LYS B 107 -24.23 20.41 -20.35
N GLU B 108 -24.14 21.52 -21.08
CA GLU B 108 -25.31 22.35 -21.35
C GLU B 108 -25.06 23.11 -22.64
N ALA B 109 -26.15 23.57 -23.26
CA ALA B 109 -26.03 24.35 -24.48
C ALA B 109 -25.30 25.66 -24.21
N GLU B 110 -24.49 26.09 -25.19
CA GLU B 110 -23.71 27.30 -25.03
C GLU B 110 -24.61 28.51 -24.85
N ALA B 111 -24.19 29.43 -23.99
CA ALA B 111 -24.94 30.64 -23.69
C ALA B 111 -24.03 31.84 -23.72
N ALA B 112 -24.62 33.02 -23.92
CA ALA B 112 -23.81 34.22 -23.97
C ALA B 112 -23.88 34.98 -22.64
N PRO B 113 -22.79 35.63 -22.25
CA PRO B 113 -22.80 36.36 -20.98
C PRO B 113 -23.74 37.54 -20.99
N THR B 114 -24.33 37.81 -19.83
CA THR B 114 -25.15 38.99 -19.60
C THR B 114 -24.32 39.96 -18.75
N VAL B 115 -23.49 40.76 -19.42
CA VAL B 115 -22.57 41.64 -18.72
C VAL B 115 -23.31 42.82 -18.13
N SER B 116 -22.72 43.41 -17.09
CA SER B 116 -23.28 44.58 -16.42
C SER B 116 -22.18 45.25 -15.63
N ILE B 117 -21.92 46.52 -15.91
CA ILE B 117 -20.85 47.28 -15.28
C ILE B 117 -21.46 48.30 -14.34
N PHE B 118 -20.98 48.32 -13.09
CA PHE B 118 -21.46 49.26 -12.08
C PHE B 118 -20.44 50.36 -11.86
N PRO B 119 -20.89 51.60 -11.74
CA PRO B 119 -19.95 52.72 -11.56
C PRO B 119 -19.33 52.68 -10.18
N PRO B 120 -18.28 53.46 -9.94
CA PRO B 120 -17.67 53.48 -8.61
C PRO B 120 -18.66 53.96 -7.55
N SER B 121 -18.59 53.34 -6.38
CA SER B 121 -19.53 53.65 -5.32
C SER B 121 -19.27 55.04 -4.75
N SER B 122 -20.35 55.78 -4.50
CA SER B 122 -20.22 57.10 -3.89
C SER B 122 -19.65 57.02 -2.48
N GLU B 123 -20.12 56.05 -1.69
CA GLU B 123 -19.60 55.89 -0.33
C GLU B 123 -18.13 55.53 -0.35
N GLN B 124 -17.72 54.62 -1.26
CA GLN B 124 -16.31 54.26 -1.36
C GLN B 124 -15.48 55.44 -1.86
N LEU B 125 -16.03 56.21 -2.81
CA LEU B 125 -15.31 57.39 -3.32
C LEU B 125 -15.10 58.42 -2.22
N THR B 126 -16.10 58.63 -1.37
CA THR B 126 -15.94 59.54 -0.24
C THR B 126 -14.93 59.02 0.76
N SER B 127 -14.64 57.72 0.73
CA SER B 127 -13.67 57.10 1.62
C SER B 127 -12.30 56.93 0.97
N GLY B 128 -12.05 57.63 -0.13
CA GLY B 128 -10.77 57.54 -0.82
C GLY B 128 -10.48 56.18 -1.43
N GLY B 129 -11.47 55.58 -2.08
CA GLY B 129 -11.27 54.30 -2.74
C GLY B 129 -12.19 54.10 -3.93
N ALA B 130 -11.62 53.74 -5.08
CA ALA B 130 -12.38 53.52 -6.30
C ALA B 130 -12.30 52.05 -6.68
N SER B 131 -13.47 51.45 -6.94
CA SER B 131 -13.55 50.04 -7.33
C SER B 131 -14.59 49.92 -8.43
N VAL B 132 -14.14 49.57 -9.63
CA VAL B 132 -15.02 49.37 -10.78
C VAL B 132 -15.25 47.87 -10.93
N VAL B 133 -16.51 47.46 -10.82
CA VAL B 133 -16.89 46.04 -10.80
C VAL B 133 -17.82 45.77 -11.97
N CYS B 134 -17.53 44.73 -12.74
CA CYS B 134 -18.37 44.27 -13.82
C CYS B 134 -18.69 42.80 -13.61
N PHE B 135 -19.98 42.45 -13.67
CA PHE B 135 -20.45 41.11 -13.38
C PHE B 135 -21.06 40.50 -14.62
N LEU B 136 -20.52 39.35 -15.03
CA LEU B 136 -21.12 38.54 -16.09
C LEU B 136 -22.04 37.51 -15.44
N ASN B 137 -23.32 37.54 -15.82
CA ASN B 137 -24.33 36.81 -15.07
C ASN B 137 -24.33 35.31 -15.40
N ASN B 138 -24.61 34.96 -16.65
CA ASN B 138 -24.78 33.56 -17.03
C ASN B 138 -24.03 33.28 -18.32
N PHE B 139 -23.22 32.23 -18.31
CA PHE B 139 -22.49 31.78 -19.50
C PHE B 139 -21.98 30.38 -19.23
N TYR B 140 -22.22 29.45 -20.18
CA TYR B 140 -21.86 28.06 -19.92
C TYR B 140 -20.36 27.82 -19.95
N PRO B 141 -19.63 28.13 -21.02
CA PRO B 141 -18.19 27.83 -21.03
C PRO B 141 -17.46 28.59 -19.93
N LYS B 142 -16.57 27.88 -19.24
CA LYS B 142 -15.84 28.49 -18.13
C LYS B 142 -14.89 29.58 -18.63
N ASP B 143 -14.23 29.35 -19.75
CA ASP B 143 -13.23 30.29 -20.24
C ASP B 143 -13.91 31.52 -20.81
N ILE B 144 -13.61 32.69 -20.23
CA ILE B 144 -14.12 33.97 -20.71
C ILE B 144 -13.10 35.04 -20.36
N ASN B 145 -12.69 35.82 -21.36
CA ASN B 145 -11.69 36.85 -21.16
C ASN B 145 -12.37 38.18 -20.86
N VAL B 146 -11.80 38.92 -19.91
CA VAL B 146 -12.32 40.22 -19.51
C VAL B 146 -11.22 41.26 -19.75
N LYS B 147 -11.54 42.28 -20.54
CA LYS B 147 -10.61 43.36 -20.84
C LYS B 147 -11.20 44.67 -20.34
N TRP B 148 -10.45 45.39 -19.52
CA TRP B 148 -10.88 46.65 -18.93
C TRP B 148 -10.17 47.79 -19.65
N LYS B 149 -10.92 48.60 -20.38
CA LYS B 149 -10.38 49.74 -21.11
C LYS B 149 -10.78 51.02 -20.38
N ILE B 150 -9.79 51.68 -19.78
CA ILE B 150 -9.99 52.95 -19.08
C ILE B 150 -9.38 54.05 -19.93
N ASP B 151 -10.22 55.00 -20.36
CA ASP B 151 -9.80 56.09 -21.23
C ASP B 151 -9.11 55.56 -22.49
N GLY B 152 -9.68 54.50 -23.05
CA GLY B 152 -9.11 53.88 -24.24
C GLY B 152 -7.75 53.26 -24.04
N SER B 153 -7.50 52.66 -22.87
CA SER B 153 -6.24 52.01 -22.59
C SER B 153 -6.51 50.67 -21.92
N GLU B 154 -5.88 49.62 -22.42
CA GLU B 154 -6.08 48.27 -21.88
C GLU B 154 -5.19 48.10 -20.66
N ARG B 155 -5.72 48.48 -19.50
CA ARG B 155 -5.00 48.37 -18.25
C ARG B 155 -5.08 46.93 -17.75
N GLN B 156 -3.91 46.32 -17.52
CA GLN B 156 -3.84 44.93 -17.05
C GLN B 156 -3.20 44.83 -15.67
N ASN B 157 -3.39 45.85 -14.84
CA ASN B 157 -2.84 45.88 -13.49
C ASN B 157 -3.94 46.13 -12.48
N GLY B 158 -3.88 45.42 -11.36
CA GLY B 158 -4.85 45.60 -10.30
C GLY B 158 -6.26 45.21 -10.65
N VAL B 159 -6.44 44.08 -11.34
CA VAL B 159 -7.76 43.57 -11.69
C VAL B 159 -7.86 42.14 -11.18
N LEU B 160 -8.92 41.85 -10.43
CA LEU B 160 -9.15 40.53 -9.86
C LEU B 160 -10.48 39.99 -10.35
N ASN B 161 -10.48 38.77 -10.87
CA ASN B 161 -11.68 38.14 -11.40
C ASN B 161 -11.99 36.88 -10.60
N SER B 162 -13.23 36.79 -10.12
CA SER B 162 -13.68 35.64 -9.34
C SER B 162 -14.86 34.99 -10.06
N TRP B 163 -14.78 33.68 -10.25
CA TRP B 163 -15.81 32.92 -10.95
C TRP B 163 -16.50 31.97 -9.98
N THR B 164 -17.82 31.89 -10.08
CA THR B 164 -18.60 31.02 -9.20
C THR B 164 -18.52 29.57 -9.68
N ASP B 165 -19.24 28.70 -8.99
CA ASP B 165 -19.29 27.28 -9.33
C ASP B 165 -20.50 27.00 -10.22
N GLN B 166 -20.55 25.77 -10.72
CA GLN B 166 -21.64 25.38 -11.61
C GLN B 166 -22.95 25.32 -10.84
N ASP B 167 -23.92 26.13 -11.24
CA ASP B 167 -25.23 26.12 -10.60
C ASP B 167 -25.94 24.80 -10.88
N SER B 168 -26.50 24.21 -9.83
CA SER B 168 -27.18 22.92 -10.00
C SER B 168 -28.44 23.06 -10.85
N LYS B 169 -29.21 24.12 -10.63
CA LYS B 169 -30.49 24.26 -11.33
C LYS B 169 -30.30 24.64 -12.79
N ASP B 170 -29.42 25.59 -13.08
CA ASP B 170 -29.30 26.15 -14.42
C ASP B 170 -28.06 25.71 -15.18
N SER B 171 -27.08 25.11 -14.51
CA SER B 171 -25.83 24.67 -15.16
C SER B 171 -25.15 25.83 -15.88
N THR B 172 -25.11 26.99 -15.24
CA THR B 172 -24.52 28.19 -15.80
C THR B 172 -23.52 28.79 -14.83
N TYR B 173 -22.55 29.52 -15.37
CA TYR B 173 -21.48 30.11 -14.58
C TYR B 173 -21.70 31.62 -14.46
N SER B 174 -21.03 32.20 -13.47
CA SER B 174 -21.06 33.64 -13.25
C SER B 174 -19.66 34.12 -12.90
N MET B 175 -19.36 35.36 -13.26
CA MET B 175 -18.05 35.93 -13.00
C MET B 175 -18.19 37.38 -12.54
N SER B 176 -17.20 37.84 -11.78
CA SER B 176 -17.16 39.21 -11.30
C SER B 176 -15.72 39.70 -11.37
N SER B 177 -15.48 40.76 -12.13
CA SER B 177 -14.15 41.34 -12.27
C SER B 177 -14.14 42.73 -11.66
N THR B 178 -13.22 42.95 -10.72
CA THR B 178 -13.11 44.21 -10.02
C THR B 178 -11.73 44.80 -10.21
N LEU B 179 -11.68 46.07 -10.59
CA LEU B 179 -10.44 46.83 -10.71
C LEU B 179 -10.40 47.91 -9.64
N THR B 180 -9.33 47.94 -8.87
CA THR B 180 -9.18 48.87 -7.76
C THR B 180 -8.21 49.97 -8.15
N LEU B 181 -8.59 51.21 -7.89
CA LEU B 181 -7.74 52.36 -8.19
C LEU B 181 -8.08 53.48 -7.22
N THR B 182 -7.15 54.42 -7.09
CA THR B 182 -7.35 55.56 -6.21
C THR B 182 -8.38 56.51 -6.81
N LYS B 183 -8.82 57.47 -5.97
CA LYS B 183 -9.79 58.46 -6.43
C LYS B 183 -9.21 59.30 -7.55
N ASP B 184 -7.93 59.69 -7.44
CA ASP B 184 -7.30 60.45 -8.51
C ASP B 184 -7.20 59.65 -9.80
N GLU B 185 -6.91 58.35 -9.68
CA GLU B 185 -6.82 57.50 -10.87
C GLU B 185 -8.16 57.42 -11.59
N TYR B 186 -9.25 57.29 -10.84
CA TYR B 186 -10.58 57.29 -11.46
C TYR B 186 -10.90 58.65 -12.05
N GLU B 187 -10.51 59.73 -11.36
CA GLU B 187 -10.79 61.08 -11.87
C GLU B 187 -10.03 61.34 -13.17
N ARG B 188 -8.79 60.89 -13.27
CA ARG B 188 -7.97 61.14 -14.45
C ARG B 188 -8.31 60.17 -15.57
N HIS B 189 -9.59 60.10 -15.95
CA HIS B 189 -10.02 59.23 -17.04
C HIS B 189 -11.36 59.74 -17.54
N ASN B 190 -11.72 59.32 -18.76
CA ASN B 190 -12.97 59.73 -19.38
C ASN B 190 -13.87 58.58 -19.81
N SER B 191 -13.32 57.49 -20.34
CA SER B 191 -14.11 56.35 -20.80
C SER B 191 -13.73 55.12 -19.98
N TYR B 192 -14.75 54.42 -19.48
CA TYR B 192 -14.54 53.19 -18.71
C TYR B 192 -15.43 52.11 -19.30
N THR B 193 -14.82 51.09 -19.90
CA THR B 193 -15.55 50.02 -20.55
C THR B 193 -14.97 48.67 -20.15
N CYS B 194 -15.82 47.66 -20.14
CA CYS B 194 -15.42 46.29 -19.90
C CYS B 194 -15.93 45.43 -21.05
N GLU B 195 -15.03 44.64 -21.63
CA GLU B 195 -15.34 43.81 -22.78
C GLU B 195 -15.16 42.34 -22.40
N ALA B 196 -16.18 41.54 -22.66
CA ALA B 196 -16.15 40.11 -22.42
C ALA B 196 -16.00 39.38 -23.75
N THR B 197 -15.03 38.48 -23.82
CA THR B 197 -14.77 37.66 -25.00
C THR B 197 -15.05 36.20 -24.62
N HIS B 198 -16.06 35.62 -25.26
CA HIS B 198 -16.44 34.24 -25.05
C HIS B 198 -16.57 33.54 -26.39
N LYS B 199 -16.79 32.22 -26.34
CA LYS B 199 -16.93 31.42 -27.55
C LYS B 199 -18.32 31.52 -28.17
N THR B 200 -19.28 32.16 -27.49
CA THR B 200 -20.62 32.28 -28.05
C THR B 200 -20.63 33.11 -29.32
N SER B 201 -19.90 34.22 -29.34
CA SER B 201 -19.82 35.08 -30.51
C SER B 201 -18.40 35.59 -30.67
N THR B 202 -18.00 35.81 -31.92
CA THR B 202 -16.65 36.30 -32.19
C THR B 202 -16.47 37.73 -31.69
N SER B 203 -17.49 38.57 -31.88
CA SER B 203 -17.39 39.96 -31.45
C SER B 203 -17.52 40.05 -29.93
N PRO B 204 -16.56 40.64 -29.23
CA PRO B 204 -16.68 40.78 -27.78
C PRO B 204 -17.83 41.70 -27.40
N ILE B 205 -18.46 41.41 -26.28
CA ILE B 205 -19.57 42.23 -25.79
C ILE B 205 -18.99 43.27 -24.84
N VAL B 206 -19.17 44.55 -25.18
CA VAL B 206 -18.55 45.65 -24.44
C VAL B 206 -19.66 46.48 -23.79
N LYS B 207 -19.51 46.72 -22.49
CA LYS B 207 -20.40 47.61 -21.75
C LYS B 207 -19.58 48.74 -21.15
N SER B 208 -20.00 49.97 -21.40
CA SER B 208 -19.22 51.14 -21.04
C SER B 208 -20.02 52.07 -20.13
N PHE B 209 -19.31 52.98 -19.49
CA PHE B 209 -19.92 53.99 -18.63
C PHE B 209 -19.03 55.23 -18.65
N ASN B 210 -19.56 56.33 -19.17
CA ASN B 210 -18.78 57.56 -19.28
C ASN B 210 -18.46 58.13 -17.91
N ARG B 211 -17.23 58.61 -17.75
CA ARG B 211 -16.81 59.20 -16.48
C ARG B 211 -17.61 60.46 -16.17
N ASN B 212 -17.86 61.30 -17.17
CA ASN B 212 -18.64 62.51 -16.95
C ASN B 212 -20.06 62.18 -16.52
N GLU B 213 -20.67 61.18 -17.13
CA GLU B 213 -22.03 60.76 -16.77
C GLU B 213 -22.03 60.04 -15.42
N GLU C 20 -17.66 0.69 13.81
CA GLU C 20 -17.51 2.02 13.25
C GLU C 20 -16.15 2.61 13.59
N VAL C 21 -15.25 2.58 12.61
CA VAL C 21 -13.91 3.14 12.76
C VAL C 21 -13.95 4.62 12.40
N GLN C 22 -13.47 5.46 13.31
CA GLN C 22 -13.57 6.90 13.13
C GLN C 22 -12.26 7.56 13.53
N LEU C 23 -11.95 8.67 12.85
CA LEU C 23 -10.79 9.49 13.18
C LEU C 23 -11.24 10.95 13.27
N GLN C 24 -11.04 11.54 14.45
CA GLN C 24 -11.43 12.92 14.71
C GLN C 24 -10.18 13.80 14.83
N GLN C 25 -10.32 15.05 14.40
CA GLN C 25 -9.22 15.99 14.43
C GLN C 25 -9.69 17.33 14.98
N SER C 26 -8.74 18.12 15.47
CA SER C 26 -9.02 19.51 15.79
C SER C 26 -9.28 20.29 14.51
N GLY C 27 -9.75 21.52 14.67
CA GLY C 27 -10.08 22.32 13.50
C GLY C 27 -9.97 23.80 13.76
N ALA C 28 -10.03 24.56 12.67
CA ALA C 28 -10.07 26.02 12.69
C ALA C 28 -8.84 26.60 13.40
N GLU C 29 -7.68 26.35 12.79
CA GLU C 29 -6.41 26.83 13.33
C GLU C 29 -6.01 28.11 12.62
N LEU C 30 -5.80 29.18 13.40
CA LEU C 30 -5.33 30.46 12.90
C LEU C 30 -4.05 30.84 13.63
N VAL C 31 -2.98 31.05 12.87
CA VAL C 31 -1.64 31.19 13.44
C VAL C 31 -0.90 32.32 12.73
N ARG C 32 -0.07 33.04 13.49
CA ARG C 32 0.78 34.06 12.92
C ARG C 32 2.01 33.44 12.25
N PRO C 33 2.55 34.10 11.21
CA PRO C 33 3.74 33.57 10.55
C PRO C 33 4.88 33.30 11.52
N GLY C 34 5.58 32.19 11.28
CA GLY C 34 6.71 31.82 12.11
C GLY C 34 6.34 31.49 13.53
N ALA C 35 5.57 30.42 13.71
CA ALA C 35 5.14 29.99 15.04
C ALA C 35 5.11 28.47 15.05
N LEU C 36 4.53 27.92 16.13
CA LEU C 36 4.47 26.49 16.35
C LEU C 36 3.01 26.04 16.30
N VAL C 37 2.73 24.97 15.55
CA VAL C 37 1.38 24.49 15.33
C VAL C 37 1.32 23.01 15.66
N LYS C 38 0.27 22.60 16.38
CA LYS C 38 0.09 21.21 16.76
C LYS C 38 -1.31 20.75 16.34
N LEU C 39 -1.37 19.67 15.58
CA LEU C 39 -2.62 19.05 15.15
C LEU C 39 -2.74 17.66 15.74
N SER C 40 -3.94 17.31 16.18
CA SER C 40 -4.22 16.02 16.80
C SER C 40 -5.09 15.17 15.89
N CYS C 41 -5.00 13.85 16.10
CA CYS C 41 -5.79 12.89 15.32
C CYS C 41 -6.10 11.72 16.24
N LYS C 42 -7.31 11.72 16.79
CA LYS C 42 -7.76 10.70 17.74
C LYS C 42 -8.53 9.62 17.02
N ALA C 43 -8.18 8.36 17.30
CA ALA C 43 -8.76 7.22 16.60
C ALA C 43 -9.68 6.46 17.55
N SER C 44 -10.88 6.14 17.07
CA SER C 44 -11.86 5.39 17.84
C SER C 44 -12.31 4.19 17.02
N GLY C 45 -12.36 3.02 17.67
CA GLY C 45 -12.76 1.79 17.01
C GLY C 45 -11.61 0.86 16.67
N PHE C 46 -10.36 1.31 16.82
CA PHE C 46 -9.19 0.48 16.57
C PHE C 46 -8.03 1.03 17.37
N ASN C 47 -6.90 0.33 17.31
CA ASN C 47 -5.68 0.73 18.00
C ASN C 47 -4.67 1.23 16.98
N ILE C 48 -4.08 2.40 17.24
CA ILE C 48 -3.08 2.95 16.33
C ILE C 48 -1.83 2.09 16.30
N LYS C 49 -1.62 1.25 17.32
CA LYS C 49 -0.40 0.46 17.40
C LYS C 49 -0.30 -0.54 16.25
N ASP C 50 -1.44 -1.05 15.77
CA ASP C 50 -1.44 -2.06 14.73
C ASP C 50 -1.50 -1.48 13.33
N TYR C 51 -1.43 -0.16 13.18
CA TYR C 51 -1.54 0.48 11.88
C TYR C 51 -0.43 1.51 11.74
N TYR C 52 -0.26 1.99 10.50
CA TYR C 52 0.66 3.07 10.18
C TYR C 52 -0.16 4.35 10.01
N MET C 53 0.25 5.41 10.68
CA MET C 53 -0.51 6.66 10.70
C MET C 53 0.17 7.66 9.78
N HIS C 54 -0.53 8.10 8.74
CA HIS C 54 0.01 8.98 7.72
C HIS C 54 -0.63 10.35 7.81
N TRP C 55 0.09 11.35 7.33
CA TRP C 55 -0.44 12.71 7.27
C TRP C 55 -0.33 13.23 5.85
N VAL C 56 -1.41 13.87 5.38
CA VAL C 56 -1.52 14.33 3.99
C VAL C 56 -1.93 15.80 4.00
N LYS C 57 -1.31 16.60 3.13
CA LYS C 57 -1.58 18.02 3.05
C LYS C 57 -2.23 18.36 1.71
N GLU C 58 -3.24 19.23 1.74
CA GLU C 58 -3.89 19.72 0.54
C GLU C 58 -3.91 21.24 0.56
N ARG C 59 -3.11 21.85 -0.30
CA ARG C 59 -3.15 23.29 -0.51
C ARG C 59 -4.42 23.64 -1.29
N PRO C 60 -5.05 24.78 -1.00
CA PRO C 60 -6.26 25.14 -1.74
C PRO C 60 -5.97 25.30 -3.23
N GLU C 61 -6.99 24.95 -4.04
CA GLU C 61 -6.90 24.92 -5.51
C GLU C 61 -5.62 24.26 -6.00
N GLN C 62 -5.14 23.27 -5.25
CA GLN C 62 -3.92 22.56 -5.61
C GLN C 62 -4.12 21.05 -5.47
N GLY C 63 -3.04 20.28 -5.60
CA GLY C 63 -3.11 18.84 -5.52
C GLY C 63 -2.89 18.32 -4.10
N LEU C 64 -2.90 17.00 -3.99
CA LEU C 64 -2.69 16.33 -2.72
C LEU C 64 -1.22 16.00 -2.55
N GLU C 65 -0.65 16.38 -1.42
CA GLU C 65 0.76 16.14 -1.13
C GLU C 65 0.90 15.30 0.13
N TRP C 66 1.98 14.52 0.18
CA TRP C 66 2.22 13.56 1.24
C TRP C 66 3.27 14.10 2.20
N ILE C 67 2.96 14.08 3.49
CA ILE C 67 3.87 14.60 4.51
C ILE C 67 4.78 13.50 5.01
N GLY C 68 4.19 12.45 5.59
CA GLY C 68 4.97 11.37 6.14
C GLY C 68 4.09 10.38 6.87
N TRP C 69 4.76 9.41 7.51
CA TRP C 69 4.06 8.36 8.24
C TRP C 69 4.84 8.02 9.50
N ILE C 70 4.11 7.46 10.47
CA ILE C 70 4.65 7.05 11.76
C ILE C 70 4.11 5.67 12.10
N ASP C 71 4.90 4.93 12.88
CA ASP C 71 4.53 3.62 13.41
C ASP C 71 4.44 3.73 14.93
N PRO C 72 3.23 3.78 15.49
CA PRO C 72 3.11 4.03 16.94
C PRO C 72 3.69 2.92 17.82
N GLU C 73 3.90 1.72 17.28
CA GLU C 73 4.42 0.63 18.09
C GLU C 73 5.82 0.94 18.62
N ASN C 74 6.68 1.51 17.77
CA ASN C 74 8.07 1.74 18.13
C ASN C 74 8.54 3.17 17.94
N GLY C 75 7.82 4.00 17.20
CA GLY C 75 8.19 5.39 17.03
C GLY C 75 9.00 5.72 15.81
N ASN C 76 9.11 4.80 14.84
CA ASN C 76 9.84 5.07 13.61
C ASN C 76 8.99 5.96 12.71
N THR C 77 9.52 7.12 12.35
CA THR C 77 8.81 8.11 11.55
C THR C 77 9.62 8.42 10.29
N ILE C 78 8.97 8.34 9.12
CA ILE C 78 9.61 8.60 7.84
C ILE C 78 8.85 9.73 7.15
N TYR C 79 9.58 10.72 6.65
CA TYR C 79 8.98 11.90 6.04
C TYR C 79 9.30 11.97 4.56
N ASP C 80 8.51 12.80 3.87
CA ASP C 80 8.81 13.16 2.50
C ASP C 80 9.98 14.13 2.47
N PRO C 81 10.76 14.15 1.38
CA PRO C 81 11.90 15.09 1.31
C PRO C 81 11.54 16.55 1.54
N LYS C 82 10.38 17.01 1.05
CA LYS C 82 10.02 18.41 1.22
C LYS C 82 9.69 18.73 2.67
N PHE C 83 8.88 17.88 3.31
CA PHE C 83 8.49 18.10 4.70
C PHE C 83 9.38 17.28 5.63
N GLN C 84 10.65 17.64 5.66
CA GLN C 84 11.63 16.97 6.50
C GLN C 84 12.02 17.83 7.71
N GLY C 85 12.49 19.04 7.49
CA GLY C 85 12.85 19.94 8.57
C GLY C 85 11.72 20.82 9.06
N LYS C 86 10.51 20.62 8.54
CA LYS C 86 9.36 21.45 8.90
C LYS C 86 8.31 20.72 9.72
N ALA C 87 8.10 19.42 9.47
CA ALA C 87 7.08 18.65 10.14
C ALA C 87 7.71 17.64 11.09
N SER C 88 6.96 17.25 12.11
CA SER C 88 7.38 16.24 13.06
C SER C 88 6.17 15.46 13.52
N ILE C 89 6.16 14.15 13.27
CA ILE C 89 5.02 13.30 13.59
C ILE C 89 5.31 12.49 14.84
N THR C 90 4.41 12.56 15.82
CA THR C 90 4.53 11.80 17.06
C THR C 90 3.23 11.04 17.31
N ALA C 91 3.24 10.17 18.30
CA ALA C 91 2.06 9.37 18.60
C ALA C 91 2.06 8.99 20.07
N ASP C 92 0.85 8.81 20.61
CA ASP C 92 0.66 8.32 21.98
C ASP C 92 -0.34 7.17 21.93
N THR C 93 0.10 5.98 22.35
CA THR C 93 -0.75 4.80 22.30
C THR C 93 -1.77 4.79 23.42
N SER C 94 -1.40 5.27 24.61
CA SER C 94 -2.33 5.26 25.74
C SER C 94 -3.57 6.09 25.45
N SER C 95 -3.39 7.29 24.89
CA SER C 95 -4.51 8.13 24.49
C SER C 95 -5.00 7.83 23.08
N ASN C 96 -4.30 6.97 22.34
CA ASN C 96 -4.69 6.57 20.99
C ASN C 96 -4.81 7.78 20.07
N THR C 97 -3.73 8.56 20.01
CA THR C 97 -3.78 9.82 19.28
C THR C 97 -2.45 10.10 18.60
N ALA C 98 -2.51 10.47 17.33
CA ALA C 98 -1.34 10.92 16.58
C ALA C 98 -1.27 12.45 16.59
N TYR C 99 -0.05 12.97 16.46
CA TYR C 99 0.20 14.40 16.52
C TYR C 99 1.10 14.83 15.37
N LEU C 100 0.76 15.96 14.75
CA LEU C 100 1.60 16.59 13.74
C LEU C 100 2.06 17.94 14.29
N GLN C 101 3.37 18.18 14.23
CA GLN C 101 3.98 19.41 14.70
C GLN C 101 4.55 20.15 13.50
N LEU C 102 4.14 21.40 13.32
CA LEU C 102 4.60 22.24 12.23
C LEU C 102 5.35 23.43 12.80
N SER C 103 6.56 23.66 12.29
CA SER C 103 7.42 24.74 12.75
C SER C 103 7.88 25.59 11.58
N SER C 104 8.25 26.83 11.87
CA SER C 104 8.66 27.80 10.85
C SER C 104 7.58 27.98 9.80
N LEU C 105 6.40 28.39 10.27
CA LEU C 105 5.25 28.51 9.41
C LEU C 105 5.40 29.71 8.47
N THR C 106 4.91 29.55 7.24
CA THR C 106 4.92 30.59 6.23
C THR C 106 3.55 30.69 5.58
N SER C 107 3.35 31.77 4.83
CA SER C 107 2.06 32.03 4.18
C SER C 107 1.68 30.98 3.16
N GLU C 108 2.63 30.18 2.68
CA GLU C 108 2.35 29.12 1.74
C GLU C 108 1.76 27.88 2.41
N ASP C 109 1.82 27.79 3.74
CA ASP C 109 1.42 26.59 4.46
C ASP C 109 -0.06 26.57 4.83
N THR C 110 -0.82 27.61 4.50
CA THR C 110 -2.25 27.58 4.76
C THR C 110 -2.91 26.53 3.88
N ALA C 111 -3.48 25.51 4.51
CA ALA C 111 -3.96 24.35 3.76
C ALA C 111 -4.95 23.56 4.63
N VAL C 112 -5.29 22.36 4.17
CA VAL C 112 -6.15 21.44 4.92
C VAL C 112 -5.38 20.13 5.09
N TYR C 113 -5.32 19.65 6.32
CA TYR C 113 -4.50 18.49 6.66
C TYR C 113 -5.38 17.32 7.07
N TYR C 114 -5.05 16.13 6.54
CA TYR C 114 -5.80 14.91 6.76
C TYR C 114 -4.93 13.86 7.44
N CYS C 115 -5.57 13.06 8.27
CA CYS C 115 -4.95 11.96 8.99
C CYS C 115 -5.46 10.65 8.42
N ALA C 116 -4.55 9.76 8.01
CA ALA C 116 -4.92 8.57 7.27
C ALA C 116 -4.34 7.32 7.93
N ARG C 117 -4.97 6.19 7.64
CA ARG C 117 -4.61 4.90 8.21
C ARG C 117 -4.14 3.96 7.10
N LYS C 118 -3.03 3.26 7.35
CA LYS C 118 -2.49 2.30 6.39
C LYS C 118 -2.17 0.99 7.10
N ARG C 119 -2.33 -0.11 6.36
CA ARG C 119 -2.14 -1.44 6.94
C ARG C 119 -0.66 -1.76 7.10
N GLY C 120 0.08 -1.81 5.99
CA GLY C 120 1.48 -2.17 6.03
C GLY C 120 2.39 -1.13 5.40
N TYR C 121 3.63 -1.53 5.09
CA TYR C 121 4.55 -0.62 4.43
C TYR C 121 4.03 -0.23 3.05
N TYR C 122 3.52 -1.20 2.31
CA TYR C 122 3.02 -0.96 0.96
C TYR C 122 1.55 -1.33 0.86
N GLY C 123 0.76 -0.89 1.84
CA GLY C 123 -0.64 -1.19 1.88
C GLY C 123 -1.39 -0.68 0.66
N PRO C 124 -2.38 -1.45 0.21
CA PRO C 124 -3.07 -1.09 -1.04
C PRO C 124 -3.74 0.28 -1.01
N TYR C 125 -4.27 0.71 0.12
CA TYR C 125 -5.16 1.87 0.10
C TYR C 125 -5.22 2.53 1.47
N PHE C 126 -5.74 3.74 1.49
CA PHE C 126 -6.11 4.47 2.71
C PHE C 126 -7.60 4.27 2.89
N ASP C 127 -7.97 3.32 3.75
CA ASP C 127 -9.38 2.96 3.89
C ASP C 127 -10.18 4.05 4.61
N TYR C 128 -9.64 4.60 5.69
CA TYR C 128 -10.36 5.57 6.50
C TYR C 128 -9.53 6.85 6.65
N TRP C 129 -10.16 7.99 6.42
CA TRP C 129 -9.53 9.29 6.51
C TRP C 129 -10.18 10.10 7.63
N GLY C 130 -9.53 11.20 7.99
CA GLY C 130 -10.07 12.10 8.98
C GLY C 130 -10.90 13.21 8.36
N GLN C 131 -11.54 14.00 9.24
CA GLN C 131 -12.39 15.09 8.77
C GLN C 131 -11.57 16.19 8.11
N GLY C 132 -10.37 16.44 8.62
CA GLY C 132 -9.50 17.46 8.04
C GLY C 132 -9.47 18.70 8.91
N THR C 133 -8.27 19.27 9.06
CA THR C 133 -8.05 20.48 9.84
C THR C 133 -7.61 21.60 8.93
N THR C 134 -8.27 22.75 9.06
CA THR C 134 -7.95 23.93 8.25
C THR C 134 -6.95 24.80 9.00
N LEU C 135 -5.77 24.98 8.41
CA LEU C 135 -4.72 25.80 8.99
C LEU C 135 -4.55 27.04 8.14
N THR C 136 -4.69 28.21 8.74
CA THR C 136 -4.49 29.48 8.07
C THR C 136 -3.50 30.30 8.88
N VAL C 137 -2.47 30.81 8.23
CA VAL C 137 -1.51 31.71 8.84
C VAL C 137 -1.74 33.11 8.27
N SER C 138 -1.82 34.08 9.16
CA SER C 138 -2.15 35.45 8.77
C SER C 138 -1.63 36.41 9.84
N SER C 139 -1.84 37.71 9.59
CA SER C 139 -1.23 38.75 10.41
C SER C 139 -2.26 39.53 11.23
N LYS C 140 -3.29 40.08 10.60
CA LYS C 140 -4.17 41.04 11.26
C LYS C 140 -5.63 40.61 11.12
N THR C 141 -6.45 41.11 12.03
CA THR C 141 -7.89 40.91 12.01
C THR C 141 -8.59 42.27 11.93
N THR C 142 -9.74 42.29 11.26
CA THR C 142 -10.47 43.52 11.04
C THR C 142 -11.95 43.19 10.83
N ALA C 143 -12.75 44.22 10.58
CA ALA C 143 -14.18 44.09 10.38
C ALA C 143 -14.55 44.41 8.93
N PRO C 144 -15.62 43.80 8.41
CA PRO C 144 -15.98 44.03 7.01
C PRO C 144 -16.47 45.44 6.76
N SER C 145 -16.24 45.91 5.54
CA SER C 145 -16.73 47.20 5.08
C SER C 145 -17.64 46.98 3.88
N VAL C 146 -18.89 47.41 4.00
CA VAL C 146 -19.89 47.21 2.95
C VAL C 146 -20.04 48.51 2.18
N TYR C 147 -19.87 48.43 0.85
CA TYR C 147 -19.97 49.58 -0.03
C TYR C 147 -20.90 49.23 -1.19
N PRO C 148 -22.21 49.19 -0.93
CA PRO C 148 -23.15 48.83 -1.99
C PRO C 148 -23.17 49.87 -3.10
N LEU C 149 -23.44 49.40 -4.32
CA LEU C 149 -23.48 50.28 -5.48
C LEU C 149 -24.27 49.58 -6.58
N ALA C 150 -25.34 50.23 -7.03
CA ALA C 150 -26.17 49.71 -8.11
C ALA C 150 -26.25 50.76 -9.22
N PRO C 151 -25.78 50.45 -10.43
CA PRO C 151 -25.79 51.47 -11.49
C PRO C 151 -27.20 51.76 -11.97
N VAL C 152 -27.58 53.04 -11.96
CA VAL C 152 -28.87 53.48 -12.48
C VAL C 152 -28.66 54.66 -13.40
N CYS C 153 -27.41 54.92 -13.77
CA CYS C 153 -27.06 56.04 -14.64
C CYS C 153 -27.04 55.58 -16.09
N GLY C 154 -27.76 56.30 -16.95
CA GLY C 154 -27.83 55.94 -18.35
C GLY C 154 -28.48 54.60 -18.61
N ASP C 155 -29.55 54.30 -17.87
CA ASP C 155 -30.25 53.03 -18.03
C ASP C 155 -31.28 53.13 -19.16
N THR C 156 -31.44 52.03 -19.89
CA THR C 156 -32.37 51.96 -21.00
C THR C 156 -33.50 50.98 -20.76
N THR C 157 -33.18 49.74 -20.38
CA THR C 157 -34.18 48.70 -20.15
C THR C 157 -34.33 48.47 -18.65
N GLY C 158 -35.57 48.52 -18.17
CA GLY C 158 -35.85 48.27 -16.77
C GLY C 158 -36.39 46.87 -16.51
N SER C 159 -36.21 45.98 -17.49
CA SER C 159 -36.70 44.62 -17.38
C SER C 159 -35.77 43.71 -16.59
N SER C 160 -34.55 44.15 -16.30
CA SER C 160 -33.59 43.35 -15.55
C SER C 160 -32.63 44.31 -14.85
N VAL C 161 -32.82 44.50 -13.55
CA VAL C 161 -31.99 45.37 -12.73
C VAL C 161 -31.06 44.46 -11.93
N THR C 162 -29.78 44.42 -12.33
CA THR C 162 -28.78 43.61 -11.64
C THR C 162 -28.09 44.49 -10.60
N LEU C 163 -28.55 44.41 -9.36
CA LEU C 163 -27.98 45.18 -8.27
C LEU C 163 -26.98 44.33 -7.49
N GLY C 164 -25.80 44.88 -7.23
CA GLY C 164 -24.76 44.15 -6.56
C GLY C 164 -24.16 44.93 -5.41
N CYS C 165 -23.75 44.19 -4.39
CA CYS C 165 -23.10 44.75 -3.21
C CYS C 165 -21.74 44.11 -3.02
N LEU C 166 -20.73 44.95 -2.78
CA LEU C 166 -19.36 44.50 -2.61
C LEU C 166 -18.92 44.75 -1.18
N VAL C 167 -18.45 43.71 -0.51
CA VAL C 167 -17.93 43.79 0.86
C VAL C 167 -16.42 43.65 0.78
N LYS C 168 -15.72 44.63 1.33
CA LYS C 168 -14.25 44.68 1.25
C LYS C 168 -13.66 44.80 2.63
N GLY C 169 -12.41 44.38 2.75
CA GLY C 169 -11.69 44.45 4.01
C GLY C 169 -12.19 43.53 5.10
N TYR C 170 -12.60 42.31 4.73
CA TYR C 170 -12.94 41.30 5.72
C TYR C 170 -11.65 40.69 6.26
N PHE C 171 -11.49 40.71 7.58
CA PHE C 171 -10.23 40.34 8.20
C PHE C 171 -10.33 38.96 8.82
N PRO C 172 -9.68 37.94 8.26
CA PRO C 172 -9.64 36.62 8.91
C PRO C 172 -11.00 36.05 9.30
N GLU C 173 -11.96 36.05 8.38
CA GLU C 173 -13.29 35.54 8.69
C GLU C 173 -14.11 35.37 7.41
N PRO C 174 -15.05 34.43 7.41
CA PRO C 174 -16.02 34.35 6.30
C PRO C 174 -17.30 35.12 6.64
N VAL C 175 -17.82 35.83 5.65
CA VAL C 175 -18.99 36.67 5.83
C VAL C 175 -20.16 36.03 5.12
N THR C 176 -21.37 36.39 5.55
CA THR C 176 -22.60 35.91 4.94
C THR C 176 -23.42 37.10 4.50
N LEU C 177 -23.76 37.16 3.21
CA LEU C 177 -24.51 38.27 2.64
C LEU C 177 -25.87 37.77 2.22
N THR C 178 -26.92 38.29 2.86
CA THR C 178 -28.30 37.96 2.52
C THR C 178 -28.92 39.19 1.85
N TRP C 179 -29.31 39.03 0.59
CA TRP C 179 -29.87 40.13 -0.20
C TRP C 179 -31.38 40.01 -0.23
N ASN C 180 -32.07 41.08 0.19
CA ASN C 180 -33.53 41.13 0.23
C ASN C 180 -34.09 39.96 1.05
N SER C 181 -33.75 39.96 2.34
CA SER C 181 -34.19 38.89 3.23
C SER C 181 -35.71 38.80 3.31
N GLY C 182 -36.41 39.92 3.09
CA GLY C 182 -37.86 39.89 3.10
C GLY C 182 -38.43 39.01 2.01
N SER C 183 -37.85 39.08 0.81
CA SER C 183 -38.26 38.27 -0.34
C SER C 183 -37.01 37.57 -0.88
N LEU C 184 -36.72 36.40 -0.33
CA LEU C 184 -35.55 35.64 -0.76
C LEU C 184 -35.74 35.15 -2.19
N SER C 185 -34.68 35.27 -2.99
CA SER C 185 -34.71 34.86 -4.39
C SER C 185 -33.47 34.05 -4.71
N SER C 186 -33.62 33.16 -5.70
CA SER C 186 -32.51 32.33 -6.15
C SER C 186 -31.65 33.01 -7.21
N GLY C 187 -32.01 34.22 -7.63
CA GLY C 187 -31.25 34.96 -8.61
C GLY C 187 -30.03 35.67 -8.08
N VAL C 188 -29.75 35.56 -6.79
CA VAL C 188 -28.61 36.22 -6.18
C VAL C 188 -27.43 35.25 -6.17
N HIS C 189 -26.35 35.64 -6.84
CA HIS C 189 -25.12 34.86 -6.88
C HIS C 189 -24.05 35.57 -6.07
N THR C 190 -23.42 34.84 -5.16
CA THR C 190 -22.37 35.36 -4.29
C THR C 190 -21.03 34.81 -4.76
N PHE C 191 -20.22 35.65 -5.40
CA PHE C 191 -18.94 35.20 -5.91
C PHE C 191 -17.99 34.88 -4.76
N PRO C 192 -17.09 33.91 -4.95
CA PRO C 192 -16.15 33.56 -3.88
C PRO C 192 -15.25 34.74 -3.53
N ALA C 193 -14.93 34.85 -2.24
CA ALA C 193 -14.07 35.93 -1.78
C ALA C 193 -12.63 35.67 -2.18
N VAL C 194 -11.91 36.73 -2.52
CA VAL C 194 -10.52 36.65 -2.95
C VAL C 194 -9.67 37.50 -2.02
N LEU C 195 -8.39 37.13 -1.92
CA LEU C 195 -7.47 37.78 -1.00
C LEU C 195 -6.73 38.91 -1.69
N GLN C 196 -6.73 40.08 -1.07
CA GLN C 196 -6.01 41.24 -1.58
C GLN C 196 -5.48 42.04 -0.39
N SER C 197 -4.18 42.35 -0.44
CA SER C 197 -3.52 43.18 0.57
C SER C 197 -3.71 42.62 1.98
N GLY C 198 -3.76 41.30 2.11
CA GLY C 198 -3.92 40.67 3.41
C GLY C 198 -5.34 40.59 3.91
N LEU C 199 -6.30 41.13 3.18
CA LEU C 199 -7.72 41.08 3.56
C LEU C 199 -8.48 40.29 2.48
N TYR C 200 -9.80 40.25 2.63
CA TYR C 200 -10.64 39.50 1.71
C TYR C 200 -11.73 40.41 1.14
N THR C 201 -12.15 40.10 -0.09
CA THR C 201 -13.20 40.85 -0.77
C THR C 201 -14.20 39.88 -1.39
N LEU C 202 -15.48 40.23 -1.30
CA LEU C 202 -16.55 39.41 -1.83
C LEU C 202 -17.59 40.32 -2.48
N SER C 203 -18.41 39.73 -3.35
CA SER C 203 -19.44 40.49 -4.05
C SER C 203 -20.64 39.60 -4.31
N SER C 204 -21.83 40.10 -3.97
CA SER C 204 -23.07 39.38 -4.21
C SER C 204 -23.97 40.21 -5.12
N SER C 205 -24.41 39.62 -6.22
CA SER C 205 -25.20 40.33 -7.23
C SER C 205 -26.51 39.59 -7.46
N VAL C 206 -27.61 40.33 -7.39
CA VAL C 206 -28.95 39.79 -7.61
C VAL C 206 -29.56 40.51 -8.80
N THR C 207 -30.03 39.73 -9.79
CA THR C 207 -30.66 40.27 -10.98
C THR C 207 -32.11 39.82 -11.10
N VAL C 208 -32.74 39.43 -10.00
CA VAL C 208 -34.12 38.97 -10.00
C VAL C 208 -35.03 40.14 -9.66
N THR C 209 -34.50 41.36 -9.75
CA THR C 209 -35.30 42.54 -9.44
C THR C 209 -36.46 42.68 -10.42
N SER C 210 -36.22 42.44 -11.70
CA SER C 210 -37.24 42.53 -12.76
C SER C 210 -37.74 43.97 -12.77
N SER C 211 -39.06 44.21 -12.72
CA SER C 211 -39.59 45.56 -12.71
C SER C 211 -39.86 46.10 -11.31
N THR C 212 -39.96 45.23 -10.31
CA THR C 212 -40.22 45.69 -8.95
C THR C 212 -38.99 46.32 -8.30
N TRP C 213 -37.80 46.02 -8.81
CA TRP C 213 -36.58 46.58 -8.23
C TRP C 213 -36.54 48.10 -8.26
N PRO C 214 -36.94 48.78 -9.34
CA PRO C 214 -36.82 50.25 -9.37
C PRO C 214 -37.63 50.96 -8.30
N SER C 215 -38.71 50.35 -7.81
CA SER C 215 -39.58 50.98 -6.82
C SER C 215 -39.46 50.32 -5.45
N GLN C 216 -39.65 49.01 -5.37
CA GLN C 216 -39.55 48.32 -4.09
C GLN C 216 -38.10 48.35 -3.59
N SER C 217 -37.92 48.63 -2.31
CA SER C 217 -36.58 48.73 -1.75
C SER C 217 -35.96 47.35 -1.60
N ILE C 218 -34.71 47.22 -2.01
CA ILE C 218 -33.94 45.98 -1.87
C ILE C 218 -32.71 46.29 -1.02
N THR C 219 -32.53 45.54 0.06
CA THR C 219 -31.44 45.76 1.00
C THR C 219 -30.65 44.47 1.18
N CYS C 220 -29.33 44.60 1.24
CA CYS C 220 -28.43 43.49 1.48
C CYS C 220 -27.78 43.65 2.85
N ASN C 221 -27.79 42.57 3.63
CA ASN C 221 -27.20 42.57 4.96
C ASN C 221 -25.99 41.65 4.98
N VAL C 222 -24.86 42.17 5.42
CA VAL C 222 -23.62 41.41 5.54
C VAL C 222 -23.36 41.16 7.02
N ALA C 223 -23.15 39.89 7.38
CA ALA C 223 -22.90 39.48 8.74
C ALA C 223 -21.54 38.81 8.84
N HIS C 224 -20.71 39.30 9.75
CA HIS C 224 -19.40 38.71 10.03
C HIS C 224 -19.40 38.13 11.43
N PRO C 225 -19.44 36.81 11.58
CA PRO C 225 -19.50 36.24 12.94
C PRO C 225 -18.31 36.59 13.81
N ALA C 226 -17.11 36.72 13.23
CA ALA C 226 -15.91 36.94 14.03
C ALA C 226 -15.88 38.31 14.67
N SER C 227 -16.63 39.28 14.15
CA SER C 227 -16.64 40.63 14.71
C SER C 227 -18.03 41.12 15.07
N SER C 228 -19.06 40.30 14.85
CA SER C 228 -20.45 40.66 15.18
C SER C 228 -20.87 41.94 14.48
N THR C 229 -20.34 42.19 13.28
CA THR C 229 -20.66 43.39 12.51
C THR C 229 -21.70 43.03 11.46
N LYS C 230 -22.95 42.90 11.92
CA LYS C 230 -24.08 42.63 11.03
C LYS C 230 -24.66 43.97 10.59
N VAL C 231 -24.32 44.39 9.37
CA VAL C 231 -24.71 45.70 8.85
C VAL C 231 -25.53 45.50 7.59
N ASP C 232 -26.68 46.17 7.52
CA ASP C 232 -27.57 46.07 6.38
C ASP C 232 -27.64 47.41 5.67
N LYS C 233 -27.42 47.40 4.36
CA LYS C 233 -27.50 48.60 3.54
C LYS C 233 -28.45 48.36 2.38
N LYS C 234 -29.29 49.35 2.09
CA LYS C 234 -30.28 49.25 1.03
C LYS C 234 -29.75 49.92 -0.23
N ILE C 235 -29.87 49.23 -1.36
CA ILE C 235 -29.39 49.79 -2.63
C ILE C 235 -30.30 50.95 -3.02
N GLU C 236 -29.69 52.11 -3.31
CA GLU C 236 -30.45 53.29 -3.66
C GLU C 236 -30.26 53.63 -5.14
N PRO C 237 -31.28 54.21 -5.77
CA PRO C 237 -31.13 54.61 -7.18
C PRO C 237 -30.10 55.70 -7.36
N ALA C 238 -29.45 55.67 -8.51
CA ALA C 238 -28.41 56.65 -8.83
C ALA C 238 -29.01 57.82 -9.63
CO CO D . 9.42 -32.39 3.37
CO CO E . 22.63 -29.50 -0.76
#